data_7LYS
#
_entry.id   7LYS
#
_cell.length_a   1.00
_cell.length_b   1.00
_cell.length_c   1.00
_cell.angle_alpha   90.00
_cell.angle_beta   90.00
_cell.angle_gamma   90.00
#
_symmetry.space_group_name_H-M   'P 1'
#
loop_
_entity.id
_entity.type
_entity.pdbx_description
1 polymer CasPhi-2
2 polymer crRNA
3 polymer TS-DNA
4 polymer NTS-DNA
#
loop_
_entity_poly.entity_id
_entity_poly.type
_entity_poly.pdbx_seq_one_letter_code
_entity_poly.pdbx_strand_id
1 'polypeptide(L)'
;MPKPAVESEFSKVLKKHFPGERFRSSYMKRGGKILAAQGEEAVVAYLQGKSEEEPPNFQPPAKCHVVTKSRDFAEWPIMK
ASEAIQRYIYALSTTERAACKPGKSSESHAAWFAATGVSNHGYSHVQGLNLIFDHTLGRYDGVLKKVQLRNEKARARLES
INASRADEGLPEIKAEEEEVATNETGHLLQPPGINPSFYVYQTISPQAYRPRDEIVLPPEYAGYVRDPNAPIPLGVVRNR
CDIQKGCPGYIPEWQREAGTAISPKTGKAVTVPGLSPKKNKRMRRYWRSEKEKAQDALLVTVRIGTDWVVIDVRGLLRNA
RWRTIAPKDISLNALLDLFTGDPVIDVRRNIVTFTYTLDACGTYARKWTLKGKQTKATLDKLTATQTVALVAIDLGQTNP
ISAGISRVTQENGALQCEPLDRFTLPDDLLKDISAYRIAWDRNEEELRARSVEALPEAQQAEVRALDGVSKETARTQLCA
DFGLDPKRLPWDKMSSNTTFISEALLSNSVSRDQVFFTPAPKKGAKKKAPVEVMRKDRTWARAYKPRLSVEAQKLKNEAL
WALKRTSPEYLKLSRRKEELCRRSINYVIEKTRRRTQCQIVIPVIEDLNVRFFHGSGKRLPGWDNFFTAKKENRWFIQGL
HKAFSDLRTHRSFYVFEVRPERTSITCPKCGHCEVGNRDGEAFQCLSCGKTCNADLDVATHNLTQVALTGKTMPKREEPR
DAQGTAPARKTKKASKSKAPPAEREDQTPAQEPSQTSHHHHHH
;
A
2 'polyribonucleotide' CAACGAUUGCCCCUCACGAGGGGACAGCUGGUAAUGGGAUACCUU B
3 'polydeoxyribonucleotide'
;(DC)(DG)(DG)(DA)(DG)(DG)(DG)(DT)(DG)(DA)(DA)(DG)(DG)(DT)(DA)(DT)(DC)(DC)(DC)(DA)
(DT)(DT)(DA)(DC)(DC)(DA)(DG)(DC)(DT)(DT)(DA)(DA)(DC)(DT)(DA)(DC)(DG)(DC)(DG)
;
C
4 'polydeoxyribonucleotide'
;(DC)(DG)(DC)(DG)(DT)(DA)(DG)(DT)(DT)(DA)(DT)(DC)(DG)(DA)(DC)(DC)(DA)(DT)(DT)(DA)
(DC)(DC)(DC)(DT)(DA)(DT)(DG)(DG)(DA)(DA)(DC)(DA)(DC)(DC)(DC)(DT)(DC)(DC)(DG)
;
D
#
loop_
_chem_comp.id
_chem_comp.type
_chem_comp.name
_chem_comp.formula
A RNA linking ADENOSINE-5'-MONOPHOSPHATE 'C10 H14 N5 O7 P'
C RNA linking CYTIDINE-5'-MONOPHOSPHATE 'C9 H14 N3 O8 P'
DA DNA linking 2'-DEOXYADENOSINE-5'-MONOPHOSPHATE 'C10 H14 N5 O6 P'
DC DNA linking 2'-DEOXYCYTIDINE-5'-MONOPHOSPHATE 'C9 H14 N3 O7 P'
DG DNA linking 2'-DEOXYGUANOSINE-5'-MONOPHOSPHATE 'C10 H14 N5 O7 P'
DT DNA linking THYMIDINE-5'-MONOPHOSPHATE 'C10 H15 N2 O8 P'
G RNA linking GUANOSINE-5'-MONOPHOSPHATE 'C10 H14 N5 O8 P'
U RNA linking URIDINE-5'-MONOPHOSPHATE 'C9 H13 N2 O9 P'
#
# COMPACT_ATOMS: atom_id res chain seq x y z
N VAL A 6 14.70 -7.00 29.38
CA VAL A 6 14.89 -6.87 30.81
C VAL A 6 13.58 -6.52 31.50
N GLU A 7 13.21 -7.32 32.50
CA GLU A 7 11.97 -7.10 33.22
C GLU A 7 12.00 -5.75 33.94
N SER A 8 10.83 -5.13 34.03
CA SER A 8 10.69 -3.83 34.67
C SER A 8 9.98 -3.96 36.01
N GLU A 9 10.28 -3.01 36.90
CA GLU A 9 9.59 -2.96 38.19
C GLU A 9 8.09 -2.66 38.01
N PHE A 10 7.76 -1.80 37.04
CA PHE A 10 6.37 -1.47 36.79
C PHE A 10 5.57 -2.69 36.36
N SER A 11 6.16 -3.53 35.52
CA SER A 11 5.49 -4.75 35.11
C SER A 11 5.09 -5.59 36.32
N LYS A 12 5.97 -5.64 37.33
CA LYS A 12 5.69 -6.45 38.51
C LYS A 12 4.41 -5.99 39.20
N VAL A 13 4.31 -4.68 39.49
CA VAL A 13 3.13 -4.19 40.20
C VAL A 13 1.89 -4.37 39.36
N LEU A 14 1.98 -4.13 38.06
CA LEU A 14 0.83 -4.32 37.19
C LEU A 14 0.41 -5.78 37.14
N LYS A 15 1.37 -6.67 36.86
CA LYS A 15 1.05 -8.09 36.81
C LYS A 15 0.57 -8.59 38.16
N LYS A 16 1.05 -7.99 39.24
CA LYS A 16 0.66 -8.42 40.58
C LYS A 16 -0.74 -7.95 40.97
N HIS A 17 -1.17 -6.80 40.46
CA HIS A 17 -2.48 -6.25 40.78
C HIS A 17 -3.48 -6.31 39.64
N PHE A 18 -3.04 -6.02 38.42
CA PHE A 18 -3.92 -6.02 37.24
C PHE A 18 -3.47 -7.11 36.27
N PRO A 19 -3.96 -8.34 36.43
CA PRO A 19 -3.51 -9.42 35.55
C PRO A 19 -3.90 -9.23 34.10
N GLY A 20 -5.16 -8.87 33.86
CA GLY A 20 -5.73 -8.92 32.52
C GLY A 20 -6.41 -7.64 32.09
N GLU A 21 -5.86 -6.50 32.51
CA GLU A 21 -6.47 -5.20 32.29
C GLU A 21 -5.54 -4.28 31.49
N ARG A 22 -4.92 -4.83 30.46
CA ARG A 22 -4.00 -4.07 29.62
C ARG A 22 -4.55 -2.68 29.31
N PHE A 23 -3.69 -1.68 29.43
CA PHE A 23 -4.04 -0.27 29.31
C PHE A 23 -3.27 0.32 28.14
N ARG A 24 -3.78 1.45 27.64
CA ARG A 24 -3.19 2.01 26.44
C ARG A 24 -1.89 2.73 26.79
N SER A 25 -1.16 3.13 25.76
CA SER A 25 0.20 3.61 25.97
C SER A 25 0.23 4.87 26.83
N SER A 26 -0.70 5.80 26.59
CA SER A 26 -0.67 7.06 27.32
C SER A 26 -0.86 6.83 28.81
N TYR A 27 -1.81 5.96 29.19
CA TYR A 27 -2.03 5.68 30.61
C TYR A 27 -0.83 4.96 31.22
N MET A 28 -0.16 4.12 30.43
CA MET A 28 1.04 3.45 30.92
C MET A 28 2.12 4.46 31.26
N LYS A 29 2.33 5.44 30.39
CA LYS A 29 3.36 6.44 30.61
C LYS A 29 3.08 7.24 31.87
N ARG A 30 1.85 7.77 31.99
CA ARG A 30 1.51 8.54 33.17
C ARG A 30 1.58 7.67 34.42
N GLY A 31 1.15 6.41 34.33
CA GLY A 31 1.14 5.56 35.50
C GLY A 31 2.53 5.25 36.00
N GLY A 32 3.48 5.07 35.08
CA GLY A 32 4.86 4.88 35.50
C GLY A 32 5.42 6.10 36.23
N LYS A 33 5.13 7.29 35.71
CA LYS A 33 5.62 8.51 36.35
C LYS A 33 5.08 8.63 37.77
N ILE A 34 3.80 8.34 37.97
CA ILE A 34 3.24 8.40 39.31
C ILE A 34 3.92 7.39 40.22
N LEU A 35 4.16 6.18 39.71
CA LEU A 35 4.79 5.15 40.54
C LEU A 35 6.18 5.57 40.98
N ALA A 36 7.00 6.05 40.04
CA ALA A 36 8.38 6.40 40.37
C ALA A 36 8.42 7.58 41.35
N ALA A 37 7.49 8.52 41.21
CA ALA A 37 7.48 9.71 42.07
C ALA A 37 6.72 9.49 43.37
N GLN A 38 5.44 9.11 43.27
CA GLN A 38 4.53 9.09 44.40
C GLN A 38 4.40 7.70 45.04
N GLY A 39 5.41 6.87 44.92
CA GLY A 39 5.42 5.59 45.59
C GLY A 39 4.59 4.53 44.89
N GLU A 40 4.77 3.29 45.35
CA GLU A 40 4.14 2.15 44.68
C GLU A 40 2.63 2.09 44.90
N GLU A 41 2.16 2.60 46.03
CA GLU A 41 0.75 2.47 46.37
C GLU A 41 -0.14 3.44 45.61
N ALA A 42 0.43 4.49 45.01
CA ALA A 42 -0.35 5.55 44.40
C ALA A 42 -0.57 5.35 42.91
N VAL A 43 0.04 4.32 42.32
CA VAL A 43 -0.31 3.98 40.94
C VAL A 43 -1.56 3.12 40.91
N VAL A 44 -1.79 2.34 41.96
CA VAL A 44 -2.97 1.48 41.99
C VAL A 44 -4.23 2.32 42.01
N ALA A 45 -4.24 3.39 42.80
CA ALA A 45 -5.40 4.26 42.85
C ALA A 45 -5.62 4.97 41.52
N TYR A 46 -4.56 5.10 40.71
CA TYR A 46 -4.71 5.76 39.42
C TYR A 46 -5.20 4.80 38.35
N LEU A 47 -4.75 3.55 38.39
CA LEU A 47 -5.10 2.58 37.37
C LEU A 47 -6.30 1.71 37.74
N GLN A 48 -6.91 1.92 38.90
CA GLN A 48 -8.05 1.10 39.28
C GLN A 48 -9.31 1.55 38.56
N GLY A 49 -9.48 2.85 38.38
CA GLY A 49 -10.69 3.37 37.79
C GLY A 49 -10.75 3.18 36.29
N LYS A 50 -9.73 3.65 35.59
CA LYS A 50 -9.77 3.75 34.14
C LYS A 50 -9.01 2.59 33.50
N SER A 51 -9.74 1.77 32.75
CA SER A 51 -9.16 0.68 31.96
C SER A 51 -10.02 0.50 30.72
N GLU A 52 -9.47 -0.22 29.74
CA GLU A 52 -10.20 -0.55 28.52
C GLU A 52 -10.16 -2.05 28.27
N GLU A 53 -11.26 -2.56 27.73
CA GLU A 53 -11.28 -3.95 27.28
C GLU A 53 -10.29 -4.15 26.14
N GLU A 54 -10.34 -3.28 25.13
CA GLU A 54 -9.40 -3.29 24.01
C GLU A 54 -8.82 -1.88 23.89
N PRO A 55 -7.54 -1.69 24.19
CA PRO A 55 -6.98 -0.34 24.17
C PRO A 55 -6.69 0.11 22.74
N PRO A 56 -7.20 1.27 22.32
CA PRO A 56 -6.83 1.79 21.00
C PRO A 56 -5.32 1.91 20.87
N ASN A 57 -4.76 1.16 19.93
CA ASN A 57 -3.32 1.13 19.70
C ASN A 57 -2.97 1.51 18.26
N PHE A 58 -3.80 2.33 17.63
CA PHE A 58 -3.62 2.67 16.22
C PHE A 58 -4.00 4.12 16.00
N GLN A 59 -3.19 4.84 15.22
CA GLN A 59 -3.46 6.22 14.86
C GLN A 59 -3.46 6.34 13.34
N PRO A 60 -4.57 6.75 12.72
CA PRO A 60 -4.56 6.91 11.26
C PRO A 60 -3.64 8.05 10.85
N PRO A 61 -3.08 8.01 9.65
CA PRO A 61 -2.25 9.11 9.18
C PRO A 61 -3.04 10.17 8.42
N ALA A 62 -2.51 11.39 8.47
CA ALA A 62 -3.03 12.52 7.70
C ALA A 62 -1.86 13.22 7.03
N LYS A 63 -1.99 13.53 5.75
CA LYS A 63 -0.89 14.08 4.97
C LYS A 63 -1.22 15.50 4.53
N CYS A 64 -0.25 16.40 4.68
CA CYS A 64 -0.35 17.78 4.24
C CYS A 64 0.85 18.09 3.33
N HIS A 65 0.94 19.34 2.89
CA HIS A 65 1.94 19.75 1.90
C HIS A 65 2.80 20.87 2.45
N VAL A 66 4.13 20.71 2.33
CA VAL A 66 5.06 21.79 2.63
C VAL A 66 4.85 22.93 1.64
N VAL A 67 4.82 24.16 2.15
CA VAL A 67 4.66 25.33 1.29
C VAL A 67 6.04 25.86 0.91
N THR A 68 6.83 26.23 1.91
CA THR A 68 8.17 26.74 1.66
C THR A 68 9.05 26.46 2.87
N LYS A 69 10.34 26.31 2.60
CA LYS A 69 11.34 26.13 3.63
C LYS A 69 12.36 27.27 3.57
N SER A 70 13.21 27.35 4.59
CA SER A 70 14.27 28.35 4.59
C SER A 70 15.42 27.91 3.68
N ARG A 71 15.74 26.63 3.69
CA ARG A 71 16.76 26.06 2.82
C ARG A 71 16.49 24.57 2.72
N ASP A 72 17.18 23.90 1.80
CA ASP A 72 16.86 22.51 1.54
C ASP A 72 17.08 21.67 2.80
N PHE A 73 16.28 20.62 2.94
CA PHE A 73 16.30 19.83 4.16
C PHE A 73 17.67 19.23 4.43
N ALA A 74 18.40 18.86 3.38
CA ALA A 74 19.72 18.27 3.58
C ALA A 74 20.63 19.23 4.33
N GLU A 75 20.55 20.52 4.02
CA GLU A 75 21.37 21.52 4.72
C GLU A 75 21.07 21.55 6.21
N TRP A 76 19.82 21.31 6.60
CA TRP A 76 19.41 21.49 7.98
C TRP A 76 20.35 20.75 8.92
N PRO A 77 20.76 21.35 10.04
CA PRO A 77 21.66 20.64 10.96
C PRO A 77 21.08 19.33 11.47
N ILE A 78 19.79 19.28 11.79
CA ILE A 78 19.22 18.04 12.32
C ILE A 78 19.31 16.91 11.29
N MET A 79 19.07 17.25 10.01
CA MET A 79 19.15 16.21 8.99
C MET A 79 20.59 15.75 8.78
N LYS A 80 21.55 16.65 8.94
CA LYS A 80 22.95 16.27 8.83
C LYS A 80 23.41 15.50 10.06
N ALA A 81 22.96 15.91 11.24
CA ALA A 81 23.29 15.19 12.46
C ALA A 81 22.70 13.79 12.44
N SER A 82 21.45 13.67 11.97
CA SER A 82 20.82 12.35 11.86
C SER A 82 21.58 11.48 10.87
N GLU A 83 21.94 12.02 9.71
CA GLU A 83 22.67 11.25 8.72
C GLU A 83 24.03 10.81 9.26
N ALA A 84 24.74 11.72 9.93
CA ALA A 84 26.06 11.37 10.45
C ALA A 84 25.96 10.30 11.54
N ILE A 85 24.96 10.40 12.42
CA ILE A 85 24.79 9.40 13.48
C ILE A 85 24.43 8.06 12.86
N GLN A 86 23.51 8.05 11.90
CA GLN A 86 23.01 6.78 11.39
C GLN A 86 24.11 5.99 10.69
N ARG A 87 24.79 6.63 9.73
CA ARG A 87 25.78 5.86 8.97
C ARG A 87 27.00 5.50 9.79
N TYR A 88 27.15 6.06 11.00
CA TYR A 88 28.21 5.60 11.88
C TYR A 88 27.79 4.36 12.66
N ILE A 89 26.52 4.31 13.07
CA ILE A 89 26.05 3.20 13.89
C ILE A 89 25.85 1.94 13.05
N TYR A 90 25.48 2.09 11.78
CA TYR A 90 25.24 0.92 10.94
C TYR A 90 26.52 0.25 10.48
N ALA A 91 27.66 0.92 10.58
CA ALA A 91 28.94 0.33 10.24
C ALA A 91 29.72 -0.13 11.46
N LEU A 92 29.06 -0.17 12.63
CA LEU A 92 29.66 -0.79 13.80
C LEU A 92 29.51 -2.30 13.73
N SER A 93 30.33 -2.99 14.50
CA SER A 93 30.20 -4.43 14.64
C SER A 93 29.17 -4.73 15.72
N THR A 94 29.04 -6.01 16.09
CA THR A 94 28.12 -6.36 17.15
C THR A 94 28.68 -6.01 18.52
N THR A 95 29.98 -6.27 18.74
CA THR A 95 30.54 -6.03 20.05
C THR A 95 30.62 -4.54 20.37
N GLU A 96 30.98 -3.72 19.39
CA GLU A 96 31.00 -2.28 19.62
C GLU A 96 29.60 -1.74 19.90
N ARG A 97 28.60 -2.27 19.22
CA ARG A 97 27.24 -1.77 19.43
C ARG A 97 26.76 -2.08 20.84
N ALA A 98 27.09 -3.27 21.35
CA ALA A 98 26.65 -3.62 22.70
C ALA A 98 27.26 -2.69 23.75
N ALA A 99 28.45 -2.16 23.50
CA ALA A 99 29.11 -1.25 24.42
C ALA A 99 29.07 0.20 23.93
N CYS A 100 28.03 0.56 23.18
CA CYS A 100 27.82 1.94 22.72
C CYS A 100 26.51 2.42 23.31
N LYS A 101 26.56 3.00 24.51
CA LYS A 101 25.37 3.54 25.14
C LYS A 101 25.41 5.07 25.12
N PRO A 102 24.65 5.72 24.25
CA PRO A 102 24.38 7.15 24.44
C PRO A 102 23.19 7.34 25.37
N GLY A 103 23.37 8.09 26.44
CA GLY A 103 22.30 8.25 27.39
C GLY A 103 21.22 9.17 26.88
N LYS A 104 20.11 9.22 27.61
CA LYS A 104 18.98 10.06 27.25
C LYS A 104 19.12 11.49 27.76
N SER A 105 20.25 11.84 28.36
CA SER A 105 20.46 13.19 28.89
C SER A 105 21.35 14.01 27.97
N SER A 106 21.35 15.31 28.20
CA SER A 106 22.21 16.21 27.42
C SER A 106 23.68 15.96 27.71
N GLU A 107 24.00 15.61 28.96
CA GLU A 107 25.39 15.39 29.33
C GLU A 107 25.95 14.16 28.63
N SER A 108 25.19 13.07 28.61
CA SER A 108 25.66 11.86 27.95
C SER A 108 25.71 12.01 26.43
N HIS A 109 24.79 12.77 25.86
CA HIS A 109 24.85 13.05 24.43
C HIS A 109 26.20 13.65 24.05
N ALA A 110 26.66 14.64 24.81
CA ALA A 110 27.94 15.26 24.47
C ALA A 110 29.10 14.32 24.79
N ALA A 111 28.99 13.53 25.85
CA ALA A 111 30.00 12.51 26.11
C ALA A 111 30.10 11.52 24.95
N TRP A 112 28.96 11.18 24.34
CA TRP A 112 28.98 10.23 23.24
C TRP A 112 29.60 10.84 21.99
N PHE A 113 29.16 12.04 21.61
CA PHE A 113 29.69 12.69 20.42
C PHE A 113 31.20 12.91 20.50
N ALA A 114 31.77 12.91 21.69
CA ALA A 114 33.20 13.12 21.83
C ALA A 114 33.96 11.80 21.91
N ALA A 115 33.39 10.80 22.58
CA ALA A 115 34.07 9.52 22.74
C ALA A 115 34.11 8.71 21.45
N THR A 116 33.24 9.02 20.49
CA THR A 116 33.22 8.31 19.21
C THR A 116 33.73 9.16 18.05
N GLY A 117 33.71 10.48 18.18
CA GLY A 117 34.25 11.37 17.19
C GLY A 117 33.27 11.82 16.13
N VAL A 118 32.08 11.23 16.08
CA VAL A 118 31.05 11.74 15.18
C VAL A 118 30.64 13.14 15.63
N SER A 119 30.40 14.01 14.67
CA SER A 119 30.03 15.38 14.96
C SER A 119 28.53 15.56 14.84
N ASN A 120 28.00 16.50 15.62
CA ASN A 120 26.67 17.04 15.43
C ASN A 120 26.82 18.46 14.92
N HIS A 121 26.28 18.75 13.74
CA HIS A 121 26.62 19.99 13.04
C HIS A 121 25.84 21.16 13.64
N GLY A 122 26.09 21.40 14.92
CA GLY A 122 25.53 22.54 15.61
C GLY A 122 24.15 22.32 16.17
N TYR A 123 23.72 21.06 16.30
CA TYR A 123 22.37 20.72 16.70
C TYR A 123 22.42 19.78 17.89
N SER A 124 21.83 20.19 19.00
CA SER A 124 21.71 19.32 20.17
C SER A 124 20.41 19.65 20.87
N HIS A 125 19.36 18.89 20.57
CA HIS A 125 18.12 18.88 21.33
C HIS A 125 17.95 17.49 21.92
N VAL A 126 17.82 17.42 23.24
CA VAL A 126 17.80 16.11 23.90
C VAL A 126 16.66 15.28 23.37
N GLN A 127 15.49 15.89 23.21
CA GLN A 127 14.34 15.14 22.69
C GLN A 127 14.60 14.69 21.26
N GLY A 128 15.10 15.59 20.41
CA GLY A 128 15.35 15.23 19.04
C GLY A 128 16.42 14.16 18.91
N LEU A 129 17.53 14.31 19.63
CA LEU A 129 18.59 13.31 19.56
C LEU A 129 18.11 11.94 20.02
N ASN A 130 17.32 11.89 21.09
CA ASN A 130 16.86 10.61 21.59
C ASN A 130 16.03 9.87 20.55
N LEU A 131 15.23 10.61 19.79
CA LEU A 131 14.46 9.98 18.73
C LEU A 131 15.38 9.36 17.68
N ILE A 132 16.34 10.15 17.19
CA ILE A 132 17.29 9.62 16.21
C ILE A 132 18.05 8.43 16.78
N PHE A 133 18.50 8.55 18.04
CA PHE A 133 19.27 7.47 18.64
C PHE A 133 18.44 6.22 18.82
N ASP A 134 17.21 6.35 19.31
CA ASP A 134 16.38 5.17 19.53
C ASP A 134 16.00 4.52 18.21
N HIS A 135 15.67 5.33 17.20
CA HIS A 135 15.32 4.77 15.89
C HIS A 135 16.51 4.07 15.26
N THR A 136 17.71 4.65 15.38
CA THR A 136 18.87 4.04 14.76
C THR A 136 19.27 2.75 15.47
N LEU A 137 19.36 2.78 16.79
CA LEU A 137 19.59 1.55 17.53
C LEU A 137 18.48 0.54 17.28
N GLY A 138 17.25 1.02 17.03
CA GLY A 138 16.17 0.09 16.76
C GLY A 138 16.33 -0.60 15.43
N ARG A 139 16.69 0.15 14.39
CA ARG A 139 16.94 -0.46 13.09
C ARG A 139 18.13 -1.41 13.15
N TYR A 140 19.19 -1.04 13.86
CA TYR A 140 20.37 -1.90 13.92
C TYR A 140 20.02 -3.22 14.58
N ASP A 141 19.30 -3.19 15.70
CA ASP A 141 18.89 -4.44 16.33
C ASP A 141 17.79 -5.13 15.54
N GLY A 142 17.03 -4.39 14.74
CA GLY A 142 15.98 -5.01 13.96
C GLY A 142 16.51 -5.90 12.85
N VAL A 143 17.58 -5.46 12.18
CA VAL A 143 18.16 -6.28 11.13
C VAL A 143 18.86 -7.51 11.70
N LEU A 144 19.11 -7.52 13.02
CA LEU A 144 19.63 -8.70 13.70
C LEU A 144 18.50 -9.53 14.29
N LYS A 145 17.45 -8.87 14.79
CA LYS A 145 16.32 -9.59 15.33
C LYS A 145 15.63 -10.41 14.26
N LYS A 146 15.46 -9.84 13.06
CA LYS A 146 14.70 -10.53 12.03
C LYS A 146 15.35 -11.87 11.66
N VAL A 147 16.67 -11.88 11.51
CA VAL A 147 17.37 -13.13 11.20
C VAL A 147 17.21 -14.13 12.33
N GLN A 148 17.39 -13.67 13.57
CA GLN A 148 17.30 -14.57 14.71
C GLN A 148 15.89 -15.15 14.83
N LEU A 149 14.87 -14.32 14.61
CA LEU A 149 13.50 -14.81 14.61
C LEU A 149 13.30 -15.86 13.52
N ARG A 150 13.85 -15.62 12.33
CA ARG A 150 13.72 -16.57 11.24
C ARG A 150 14.38 -17.89 11.59
N ASN A 151 15.55 -17.85 12.22
CA ASN A 151 16.21 -19.07 12.66
C ASN A 151 15.32 -19.82 13.66
N GLU A 152 14.75 -19.10 14.62
CA GLU A 152 13.88 -19.75 15.60
C GLU A 152 12.66 -20.35 14.92
N LYS A 153 12.05 -19.63 13.98
CA LYS A 153 10.85 -20.14 13.32
C LYS A 153 11.16 -21.39 12.51
N ALA A 154 12.28 -21.39 11.78
CA ALA A 154 12.66 -22.57 11.02
C ALA A 154 12.88 -23.76 11.95
N ARG A 155 13.60 -23.55 13.04
CA ARG A 155 13.85 -24.63 13.99
C ARG A 155 12.55 -25.17 14.55
N ALA A 156 11.63 -24.29 14.93
CA ALA A 156 10.36 -24.73 15.50
C ALA A 156 9.56 -25.53 14.48
N ARG A 157 9.51 -25.06 13.24
CA ARG A 157 8.76 -25.78 12.21
C ARG A 157 9.38 -27.15 11.95
N LEU A 158 10.70 -27.19 11.81
CA LEU A 158 11.36 -28.48 11.58
C LEU A 158 11.16 -29.40 12.78
N GLU A 159 11.26 -28.87 13.98
CA GLU A 159 11.09 -29.69 15.18
C GLU A 159 9.68 -30.28 15.24
N SER A 160 8.67 -29.45 15.01
CA SER A 160 7.29 -29.91 15.15
C SER A 160 6.96 -30.99 14.11
N ILE A 161 7.33 -30.76 12.85
CA ILE A 161 7.10 -31.79 11.84
C ILE A 161 7.88 -33.03 12.17
N ASN A 162 9.04 -32.88 12.81
CA ASN A 162 9.85 -34.04 13.18
C ASN A 162 9.17 -34.89 14.25
N ALA A 163 8.27 -34.32 15.04
CA ALA A 163 7.49 -35.13 15.97
C ALA A 163 6.63 -36.14 15.22
N SER A 164 5.93 -35.68 14.20
CA SER A 164 5.16 -36.61 13.36
C SER A 164 6.08 -37.59 12.66
N ARG A 165 7.25 -37.11 12.21
CA ARG A 165 8.21 -38.01 11.57
C ARG A 165 8.70 -39.06 12.56
N ALA A 166 8.98 -38.66 13.79
CA ALA A 166 9.34 -39.63 14.81
C ALA A 166 8.19 -40.59 15.09
N ASP A 167 7.00 -40.05 15.33
CA ASP A 167 5.84 -40.85 15.69
C ASP A 167 5.68 -42.08 14.79
N GLU A 168 5.52 -41.86 13.47
CA GLU A 168 5.38 -42.99 12.57
C GLU A 168 6.18 -42.82 11.27
N GLY A 169 7.15 -41.90 11.24
CA GLY A 169 7.89 -41.63 10.03
C GLY A 169 9.08 -42.55 9.83
N LEU A 170 9.80 -42.30 8.73
CA LEU A 170 11.07 -42.95 8.41
C LEU A 170 12.19 -42.16 9.09
N PRO A 171 13.44 -42.61 8.98
CA PRO A 171 14.53 -41.90 9.68
C PRO A 171 14.60 -40.44 9.25
N GLU A 172 14.59 -39.56 10.24
CA GLU A 172 14.22 -38.17 10.07
C GLU A 172 15.44 -37.27 9.92
N ILE A 173 15.21 -36.07 9.37
CA ILE A 173 16.26 -35.08 9.24
C ILE A 173 16.79 -34.75 10.63
N LYS A 174 18.12 -34.79 10.78
CA LYS A 174 18.72 -34.51 12.08
C LYS A 174 18.54 -33.06 12.50
N ALA A 175 18.89 -32.12 11.63
CA ALA A 175 19.09 -30.73 12.01
C ALA A 175 19.13 -29.88 10.74
N GLU A 176 19.47 -28.60 10.93
CA GLU A 176 19.69 -27.67 9.82
C GLU A 176 20.48 -26.51 10.41
N GLU A 177 21.04 -25.67 9.53
CA GLU A 177 22.09 -24.75 9.93
C GLU A 177 21.52 -23.37 10.22
N GLU A 178 21.93 -22.80 11.36
CA GLU A 178 21.54 -21.44 11.71
C GLU A 178 22.02 -20.47 10.64
N GLU A 179 21.14 -19.55 10.26
CA GLU A 179 21.51 -18.46 9.37
C GLU A 179 21.90 -17.26 10.22
N VAL A 180 23.17 -16.87 10.13
CA VAL A 180 23.69 -15.75 10.89
C VAL A 180 23.45 -14.46 10.13
N ALA A 181 23.50 -13.34 10.86
CA ALA A 181 23.42 -12.01 10.26
C ALA A 181 24.61 -11.16 10.67
N THR A 182 25.76 -11.79 10.85
CA THR A 182 27.01 -11.09 11.10
C THR A 182 28.04 -11.50 10.06
N ASN A 183 29.09 -10.70 9.95
CA ASN A 183 30.22 -11.06 9.10
C ASN A 183 31.23 -11.84 9.92
N GLU A 184 32.25 -12.37 9.23
CA GLU A 184 33.29 -13.11 9.94
C GLU A 184 34.00 -12.23 10.95
N THR A 185 34.11 -10.93 10.67
CA THR A 185 34.82 -9.99 11.54
C THR A 185 33.91 -9.38 12.60
N GLY A 186 32.66 -9.81 12.70
CA GLY A 186 31.72 -9.23 13.63
C GLY A 186 30.81 -8.18 13.04
N HIS A 187 31.09 -7.70 11.83
CA HIS A 187 30.35 -6.58 11.28
C HIS A 187 28.96 -7.05 10.84
N LEU A 188 28.20 -6.12 10.27
CA LEU A 188 26.82 -6.36 9.87
C LEU A 188 26.74 -6.41 8.36
N LEU A 189 26.42 -7.58 7.81
CA LEU A 189 26.22 -7.74 6.38
C LEU A 189 24.79 -7.37 6.04
N GLN A 190 24.63 -6.74 4.87
CA GLN A 190 23.38 -6.08 4.47
C GLN A 190 22.78 -5.32 5.65
N PRO A 191 23.44 -4.26 6.11
CA PRO A 191 22.87 -3.43 7.16
C PRO A 191 21.86 -2.45 6.60
N PRO A 192 20.97 -1.93 7.43
CA PRO A 192 19.91 -1.06 6.91
C PRO A 192 20.45 0.24 6.37
N GLY A 193 19.74 0.80 5.39
CA GLY A 193 20.08 2.11 4.87
C GLY A 193 19.45 3.22 5.70
N ILE A 194 20.05 4.40 5.62
CA ILE A 194 19.58 5.52 6.43
C ILE A 194 18.18 5.90 5.99
N ASN A 195 17.41 6.51 6.91
CA ASN A 195 16.09 6.99 6.56
C ASN A 195 16.07 8.52 6.55
N PRO A 196 15.65 9.14 5.46
CA PRO A 196 15.55 10.61 5.42
C PRO A 196 14.21 11.13 5.95
N SER A 197 13.93 10.87 7.22
CA SER A 197 12.68 11.30 7.82
C SER A 197 12.98 12.29 8.94
N PHE A 198 12.40 13.48 8.82
CA PHE A 198 12.49 14.52 9.85
C PHE A 198 11.43 14.24 10.91
N TYR A 199 11.82 13.55 11.98
CA TYR A 199 10.88 13.17 13.03
C TYR A 199 10.71 14.34 14.00
N VAL A 200 9.61 15.08 13.83
CA VAL A 200 9.34 16.26 14.66
C VAL A 200 8.99 15.82 16.08
N TYR A 201 9.29 16.69 17.04
CA TYR A 201 9.15 16.39 18.46
C TYR A 201 8.53 17.61 19.14
N GLN A 202 8.51 17.60 20.48
CA GLN A 202 7.68 18.54 21.22
C GLN A 202 8.24 19.95 21.14
N THR A 203 9.54 20.11 21.37
CA THR A 203 10.12 21.46 21.34
C THR A 203 10.12 22.06 19.95
N ILE A 204 9.65 21.32 18.95
CA ILE A 204 9.60 21.78 17.57
C ILE A 204 8.22 21.65 16.95
N SER A 205 7.22 21.23 17.72
CA SER A 205 5.97 20.78 17.15
C SER A 205 5.29 21.91 16.37
N PRO A 206 4.50 21.56 15.35
CA PRO A 206 3.84 22.60 14.55
C PRO A 206 2.90 23.44 15.39
N GLN A 207 2.82 24.72 15.04
CA GLN A 207 1.90 25.64 15.68
C GLN A 207 1.52 26.71 14.68
N ALA A 208 0.36 27.33 14.91
CA ALA A 208 -0.24 28.18 13.89
C ALA A 208 0.70 29.32 13.50
N TYR A 209 0.79 29.57 12.21
CA TYR A 209 1.68 30.60 11.69
C TYR A 209 1.31 31.96 12.24
N ARG A 210 2.30 32.64 12.83
CA ARG A 210 2.20 34.05 13.13
C ARG A 210 3.37 34.79 12.49
N PRO A 211 3.15 35.99 11.98
CA PRO A 211 4.18 36.61 11.14
C PRO A 211 5.42 37.04 11.90
N ARG A 212 6.54 36.35 11.67
CA ARG A 212 7.85 36.81 12.09
C ARG A 212 8.66 37.17 10.86
N ASP A 213 9.56 38.14 11.01
CA ASP A 213 10.20 38.73 9.85
C ASP A 213 11.18 37.77 9.18
N GLU A 214 11.81 36.89 9.95
CA GLU A 214 12.75 35.94 9.36
C GLU A 214 12.05 35.01 8.37
N ILE A 215 10.83 34.61 8.66
CA ILE A 215 10.03 33.78 7.77
C ILE A 215 9.42 34.67 6.69
N VAL A 216 9.81 34.47 5.44
CA VAL A 216 9.27 35.20 4.30
C VAL A 216 8.66 34.19 3.34
N LEU A 217 7.42 34.43 2.98
CA LEU A 217 6.61 33.48 2.21
C LEU A 217 6.60 33.85 0.74
N PRO A 218 6.29 32.90 -0.13
CA PRO A 218 6.26 33.19 -1.56
C PRO A 218 5.31 34.34 -1.85
N PRO A 219 5.43 34.98 -3.01
CA PRO A 219 4.70 36.24 -3.23
C PRO A 219 3.19 36.12 -3.15
N GLU A 220 2.63 34.92 -3.27
CA GLU A 220 1.17 34.80 -3.27
C GLU A 220 0.60 35.03 -1.88
N TYR A 221 1.29 34.55 -0.84
CA TYR A 221 0.89 34.78 0.55
C TYR A 221 1.36 36.16 1.01
N ALA A 222 0.90 37.19 0.29
CA ALA A 222 1.47 38.51 0.51
C ALA A 222 1.07 39.09 1.86
N GLY A 223 -0.23 39.26 2.09
CA GLY A 223 -0.71 39.47 3.43
C GLY A 223 -1.40 38.25 3.97
N TYR A 224 -0.77 37.53 4.88
CA TYR A 224 -1.40 36.40 5.56
C TYR A 224 -1.70 36.80 7.00
N VAL A 225 -2.97 36.98 7.32
CA VAL A 225 -3.42 37.07 8.70
C VAL A 225 -4.43 35.94 8.93
N ARG A 226 -4.30 35.27 10.07
CA ARG A 226 -5.27 34.25 10.45
C ARG A 226 -5.24 34.12 11.97
N ASP A 227 -6.29 34.58 12.63
CA ASP A 227 -6.33 34.43 14.08
C ASP A 227 -6.42 32.95 14.41
N PRO A 228 -5.38 32.34 15.01
CA PRO A 228 -5.40 30.89 15.18
C PRO A 228 -6.53 30.38 16.06
N ASN A 229 -7.15 31.22 16.87
CA ASN A 229 -8.23 30.79 17.75
C ASN A 229 -9.61 31.16 17.22
N ALA A 230 -9.70 31.76 16.05
CA ALA A 230 -11.00 31.99 15.46
C ALA A 230 -11.49 30.73 14.76
N PRO A 231 -12.79 30.62 14.50
CA PRO A 231 -13.29 29.47 13.74
C PRO A 231 -13.13 29.74 12.25
N ILE A 232 -12.42 28.85 11.56
CA ILE A 232 -12.17 29.04 10.13
C ILE A 232 -13.50 28.86 9.41
N PRO A 233 -13.95 29.82 8.62
CA PRO A 233 -15.29 29.75 8.04
C PRO A 233 -15.39 28.64 7.00
N LEU A 234 -16.63 28.30 6.67
CA LEU A 234 -16.90 27.36 5.59
C LEU A 234 -16.83 28.09 4.26
N GLY A 235 -16.22 27.44 3.27
CA GLY A 235 -15.98 28.09 2.01
C GLY A 235 -17.22 28.38 1.19
N VAL A 236 -17.89 27.32 0.76
CA VAL A 236 -18.94 27.42 -0.25
C VAL A 236 -20.22 28.02 0.36
N VAL A 237 -20.98 28.71 -0.49
CA VAL A 237 -22.38 28.94 -0.20
C VAL A 237 -23.14 27.62 -0.29
N ARG A 238 -24.35 27.60 0.28
CA ARG A 238 -25.00 26.32 0.53
C ARG A 238 -25.54 25.70 -0.75
N ASN A 239 -26.07 26.52 -1.67
CA ASN A 239 -26.49 26.06 -2.99
C ASN A 239 -25.65 26.79 -4.03
N ARG A 240 -24.78 26.08 -4.70
CA ARG A 240 -23.72 26.69 -5.49
C ARG A 240 -24.21 27.24 -6.83
N CYS A 241 -25.52 27.21 -7.10
CA CYS A 241 -26.06 27.77 -8.32
C CYS A 241 -26.47 29.23 -8.17
N ASP A 242 -26.13 29.86 -7.05
CA ASP A 242 -26.35 31.29 -6.87
C ASP A 242 -25.16 32.13 -7.33
N ILE A 243 -23.93 31.59 -7.23
CA ILE A 243 -22.78 32.27 -7.79
C ILE A 243 -23.09 32.75 -9.21
N GLN A 244 -22.79 34.01 -9.49
CA GLN A 244 -23.10 34.60 -10.78
C GLN A 244 -22.00 34.23 -11.79
N LYS A 245 -22.05 34.86 -12.96
CA LYS A 245 -21.15 34.47 -14.05
C LYS A 245 -19.69 34.70 -13.67
N GLY A 246 -19.36 35.91 -13.23
CA GLY A 246 -17.95 36.27 -13.11
C GLY A 246 -17.23 35.51 -12.02
N CYS A 247 -17.85 35.39 -10.84
CA CYS A 247 -17.17 34.81 -9.71
C CYS A 247 -16.80 33.35 -9.99
N PRO A 248 -15.70 32.87 -9.42
CA PRO A 248 -15.31 31.47 -9.64
C PRO A 248 -16.26 30.50 -8.95
N GLY A 249 -16.32 29.28 -9.47
CA GLY A 249 -17.17 28.27 -8.89
C GLY A 249 -18.61 28.33 -9.33
N TYR A 250 -18.89 28.93 -10.48
CA TYR A 250 -20.26 29.13 -10.95
C TYR A 250 -20.72 27.90 -11.72
N ILE A 251 -21.73 27.22 -11.18
CA ILE A 251 -22.29 26.02 -11.80
C ILE A 251 -23.29 26.45 -12.88
N PRO A 252 -23.05 26.15 -14.15
CA PRO A 252 -23.95 26.63 -15.19
C PRO A 252 -25.31 25.95 -15.11
N GLU A 253 -26.29 26.59 -15.74
CA GLU A 253 -27.68 26.14 -15.61
C GLU A 253 -27.84 24.70 -16.05
N TRP A 254 -27.30 24.34 -17.21
CA TRP A 254 -27.55 23.02 -17.77
C TRP A 254 -27.03 21.89 -16.91
N GLN A 255 -26.23 22.18 -15.89
CA GLN A 255 -25.63 21.14 -15.07
C GLN A 255 -26.36 20.93 -13.75
N ARG A 256 -27.36 21.75 -13.43
CA ARG A 256 -28.12 21.56 -12.20
C ARG A 256 -29.08 20.37 -12.33
N GLU A 257 -29.95 20.42 -13.33
CA GLU A 257 -30.93 19.36 -13.52
C GLU A 257 -30.26 18.09 -14.02
N ALA A 258 -30.69 16.95 -13.49
CA ALA A 258 -30.30 15.68 -14.08
C ALA A 258 -31.03 15.48 -15.41
N GLY A 259 -30.46 14.65 -16.26
CA GLY A 259 -30.99 14.46 -17.59
C GLY A 259 -29.89 14.34 -18.60
N THR A 260 -30.27 14.43 -19.88
CA THR A 260 -29.36 14.33 -21.00
C THR A 260 -29.66 15.45 -21.98
N ALA A 261 -28.62 15.98 -22.63
CA ALA A 261 -28.78 17.11 -23.52
C ALA A 261 -27.64 17.12 -24.54
N ILE A 262 -27.63 18.15 -25.37
CA ILE A 262 -26.68 18.28 -26.48
C ILE A 262 -25.92 19.59 -26.31
N SER A 263 -24.60 19.53 -26.49
CA SER A 263 -23.80 20.74 -26.36
C SER A 263 -24.00 21.65 -27.58
N PRO A 264 -23.82 22.97 -27.40
CA PRO A 264 -23.94 23.86 -28.56
C PRO A 264 -22.82 23.70 -29.58
N LYS A 265 -21.57 23.58 -29.12
CA LYS A 265 -20.44 23.53 -30.05
C LYS A 265 -20.47 22.26 -30.89
N THR A 266 -20.67 21.11 -30.25
CA THR A 266 -20.70 19.83 -30.93
C THR A 266 -21.89 19.03 -30.40
N GLY A 267 -22.45 18.19 -31.25
CA GLY A 267 -23.65 17.50 -30.86
C GLY A 267 -23.39 16.08 -30.41
N LYS A 268 -23.46 15.88 -29.10
CA LYS A 268 -23.31 14.58 -28.46
C LYS A 268 -24.30 14.50 -27.31
N ALA A 269 -24.98 13.37 -27.17
CA ALA A 269 -25.87 13.15 -26.04
C ALA A 269 -25.02 12.83 -24.82
N VAL A 270 -25.06 13.71 -23.82
CA VAL A 270 -24.21 13.59 -22.64
C VAL A 270 -25.08 13.58 -21.40
N THR A 271 -24.98 12.51 -20.61
CA THR A 271 -25.67 12.43 -19.33
C THR A 271 -25.05 13.40 -18.34
N VAL A 272 -25.89 14.18 -17.67
CA VAL A 272 -25.45 15.01 -16.56
C VAL A 272 -26.23 14.57 -15.32
N PRO A 273 -25.58 14.02 -14.30
CA PRO A 273 -26.32 13.55 -13.12
C PRO A 273 -26.92 14.66 -12.28
N GLY A 274 -26.46 15.91 -12.45
CA GLY A 274 -26.91 16.99 -11.60
C GLY A 274 -26.14 17.02 -10.29
N LEU A 275 -26.49 18.00 -9.47
CA LEU A 275 -25.87 18.13 -8.15
C LEU A 275 -26.08 16.85 -7.35
N SER A 276 -25.04 16.42 -6.66
CA SER A 276 -25.08 15.14 -5.95
C SER A 276 -26.00 15.22 -4.74
N PRO A 277 -26.98 14.32 -4.61
CA PRO A 277 -27.85 14.30 -3.41
C PRO A 277 -27.24 13.52 -2.26
N LYS A 278 -26.12 14.04 -1.74
CA LYS A 278 -25.35 13.42 -0.68
C LYS A 278 -25.24 14.38 0.50
N LYS A 279 -25.03 13.81 1.68
CA LYS A 279 -24.96 14.57 2.91
C LYS A 279 -23.55 14.66 3.49
N ASN A 280 -22.62 13.82 3.04
CA ASN A 280 -21.22 13.91 3.40
C ASN A 280 -20.35 14.15 2.18
N LYS A 281 -20.91 14.81 1.16
CA LYS A 281 -20.18 15.07 -0.06
C LYS A 281 -19.07 16.09 0.20
N ARG A 282 -17.86 15.77 -0.27
CA ARG A 282 -16.79 16.75 -0.20
C ARG A 282 -17.08 17.89 -1.16
N MET A 283 -16.86 19.11 -0.70
CA MET A 283 -17.09 20.31 -1.49
C MET A 283 -15.79 20.78 -2.12
N ARG A 284 -15.83 21.04 -3.43
CA ARG A 284 -14.67 21.48 -4.18
C ARG A 284 -14.75 22.99 -4.39
N ARG A 285 -13.70 23.70 -4.00
CA ARG A 285 -13.68 25.15 -4.00
C ARG A 285 -12.80 25.66 -5.14
N TYR A 286 -13.20 26.80 -5.70
CA TYR A 286 -12.58 27.38 -6.88
C TYR A 286 -12.32 28.86 -6.62
N TRP A 287 -11.07 29.29 -6.75
CA TRP A 287 -10.68 30.66 -6.50
C TRP A 287 -10.39 31.38 -7.81
N ARG A 288 -10.54 32.71 -7.76
CA ARG A 288 -10.34 33.51 -8.96
C ARG A 288 -8.89 33.44 -9.44
N SER A 289 -7.94 33.43 -8.52
CA SER A 289 -6.53 33.40 -8.85
C SER A 289 -5.81 32.54 -7.83
N GLU A 290 -4.52 32.29 -8.08
CA GLU A 290 -3.73 31.52 -7.12
C GLU A 290 -3.37 32.33 -5.89
N LYS A 291 -3.59 33.64 -5.91
CA LYS A 291 -3.40 34.43 -4.70
C LYS A 291 -4.59 34.33 -3.77
N GLU A 292 -5.81 34.27 -4.32
CA GLU A 292 -6.97 34.07 -3.47
C GLU A 292 -6.95 32.69 -2.83
N LYS A 293 -6.51 31.68 -3.60
CA LYS A 293 -6.27 30.36 -3.03
C LYS A 293 -5.26 30.43 -1.89
N ALA A 294 -4.23 31.25 -2.04
CA ALA A 294 -3.17 31.31 -1.03
C ALA A 294 -3.69 31.91 0.26
N GLN A 295 -4.51 32.96 0.17
CA GLN A 295 -5.03 33.57 1.39
C GLN A 295 -5.97 32.66 2.15
N ASP A 296 -6.47 31.59 1.52
CA ASP A 296 -7.41 30.66 2.15
C ASP A 296 -6.74 29.35 2.53
N ALA A 297 -5.48 29.40 2.96
CA ALA A 297 -4.79 28.21 3.42
C ALA A 297 -4.82 28.16 4.96
N LEU A 298 -4.28 27.08 5.49
CA LEU A 298 -4.08 26.90 6.93
C LEU A 298 -2.59 26.69 7.13
N LEU A 299 -1.87 27.78 7.39
CA LEU A 299 -0.42 27.73 7.47
C LEU A 299 0.01 27.55 8.92
N VAL A 300 0.89 26.59 9.15
CA VAL A 300 1.55 26.37 10.44
C VAL A 300 3.03 26.30 10.17
N THR A 301 3.83 26.65 11.18
CA THR A 301 5.27 26.64 11.05
C THR A 301 5.87 25.57 11.94
N VAL A 302 7.08 25.17 11.59
CA VAL A 302 7.90 24.29 12.41
C VAL A 302 9.29 24.92 12.44
N ARG A 303 9.72 25.36 13.61
CA ARG A 303 11.01 26.04 13.76
C ARG A 303 11.92 25.18 14.63
N ILE A 304 13.15 25.00 14.18
CA ILE A 304 14.14 24.20 14.89
C ILE A 304 15.41 24.99 15.19
N GLY A 305 15.50 26.23 14.73
CA GLY A 305 16.72 27.01 14.88
C GLY A 305 16.65 28.25 14.04
N THR A 306 17.72 28.53 13.30
CA THR A 306 17.75 29.61 12.34
C THR A 306 17.12 29.20 11.01
N ASP A 307 16.56 28.00 10.90
CA ASP A 307 15.92 27.53 9.68
C ASP A 307 14.57 26.93 10.02
N TRP A 308 13.54 27.41 9.33
CA TRP A 308 12.13 27.12 9.58
C TRP A 308 11.56 26.27 8.44
N VAL A 309 10.26 26.01 8.54
CA VAL A 309 9.51 25.41 7.43
C VAL A 309 8.03 25.71 7.66
N VAL A 310 7.34 26.06 6.59
CA VAL A 310 5.93 26.42 6.61
C VAL A 310 5.13 25.33 5.91
N ILE A 311 4.04 24.89 6.53
CA ILE A 311 3.25 23.79 6.01
C ILE A 311 1.80 24.24 5.89
N ASP A 312 1.11 23.68 4.90
CA ASP A 312 -0.28 23.99 4.62
C ASP A 312 -1.16 22.86 5.16
N VAL A 313 -2.12 23.23 6.00
CA VAL A 313 -2.85 22.25 6.81
C VAL A 313 -4.25 22.01 6.25
N ARG A 314 -4.54 22.49 5.04
CA ARG A 314 -5.79 22.12 4.41
C ARG A 314 -5.94 20.61 4.31
N GLY A 315 -4.82 19.89 4.21
CA GLY A 315 -4.89 18.45 4.15
C GLY A 315 -5.47 17.83 5.40
N LEU A 316 -5.05 18.33 6.57
CA LEU A 316 -5.55 17.77 7.81
C LEU A 316 -7.00 18.12 8.05
N LEU A 317 -7.42 19.31 7.60
CA LEU A 317 -8.82 19.69 7.71
C LEU A 317 -9.70 18.76 6.88
N ARG A 318 -9.29 18.48 5.65
CA ARG A 318 -10.05 17.58 4.79
C ARG A 318 -10.09 16.18 5.38
N ASN A 319 -8.95 15.69 5.84
CA ASN A 319 -8.90 14.37 6.45
C ASN A 319 -9.67 14.32 7.75
N ALA A 320 -9.87 15.47 8.40
CA ALA A 320 -10.63 15.51 9.65
C ALA A 320 -12.12 15.70 9.42
N ARG A 321 -12.50 16.45 8.39
CA ARG A 321 -13.91 16.60 8.07
C ARG A 321 -14.48 15.35 7.41
N TRP A 322 -13.61 14.46 6.93
CA TRP A 322 -14.10 13.23 6.32
C TRP A 322 -14.45 12.19 7.36
N ARG A 323 -13.63 12.05 8.39
CA ARG A 323 -13.97 11.18 9.52
C ARG A 323 -14.96 11.82 10.47
N THR A 324 -15.37 13.05 10.21
CA THR A 324 -16.38 13.75 11.01
C THR A 324 -15.96 13.87 12.47
N ILE A 325 -14.66 13.95 12.73
CA ILE A 325 -14.16 14.18 14.07
C ILE A 325 -13.88 15.65 14.33
N ALA A 326 -14.32 16.54 13.44
CA ALA A 326 -14.07 17.96 13.56
C ALA A 326 -15.39 18.70 13.51
N PRO A 327 -15.76 19.47 14.53
CA PRO A 327 -17.02 20.22 14.46
C PRO A 327 -17.06 21.13 13.25
N LYS A 328 -18.26 21.61 12.94
CA LYS A 328 -18.43 22.43 11.74
C LYS A 328 -17.78 23.78 11.89
N ASP A 329 -17.74 24.32 13.10
CA ASP A 329 -16.89 25.46 13.43
C ASP A 329 -15.73 24.96 14.27
N ILE A 330 -14.52 25.34 13.89
CA ILE A 330 -13.31 24.85 14.53
C ILE A 330 -12.19 25.83 14.24
N SER A 331 -11.28 25.98 15.20
CA SER A 331 -10.15 26.89 15.04
C SER A 331 -8.92 26.11 14.58
N LEU A 332 -7.92 26.86 14.15
CA LEU A 332 -6.68 26.22 13.72
C LEU A 332 -6.01 25.50 14.88
N ASN A 333 -6.01 26.10 16.07
CA ASN A 333 -5.41 25.44 17.22
C ASN A 333 -6.20 24.20 17.61
N ALA A 334 -7.52 24.25 17.48
CA ALA A 334 -8.33 23.05 17.72
C ALA A 334 -8.01 21.97 16.70
N LEU A 335 -7.84 22.36 15.44
CA LEU A 335 -7.48 21.39 14.40
C LEU A 335 -6.16 20.71 14.74
N LEU A 336 -5.16 21.50 15.14
CA LEU A 336 -3.86 20.92 15.48
C LEU A 336 -3.95 20.02 16.70
N ASP A 337 -4.84 20.34 17.65
CA ASP A 337 -4.98 19.50 18.84
C ASP A 337 -5.66 18.19 18.52
N LEU A 338 -6.31 18.06 17.37
CA LEU A 338 -6.84 16.78 16.92
C LEU A 338 -5.74 15.80 16.52
N PHE A 339 -4.52 16.27 16.32
CA PHE A 339 -3.43 15.43 15.88
C PHE A 339 -2.28 15.50 16.87
N THR A 340 -1.37 14.55 16.75
CA THR A 340 -0.16 14.54 17.56
C THR A 340 0.75 15.69 17.14
N GLY A 341 1.59 16.12 18.08
CA GLY A 341 2.49 17.21 17.79
C GLY A 341 3.82 16.76 17.22
N ASP A 342 3.88 15.53 16.71
CA ASP A 342 5.09 14.97 16.10
C ASP A 342 4.78 14.47 14.70
N PRO A 343 4.66 15.36 13.72
CA PRO A 343 4.56 14.93 12.32
C PRO A 343 5.83 14.21 11.87
N VAL A 344 5.76 13.62 10.69
CA VAL A 344 6.91 13.00 10.04
C VAL A 344 7.03 13.64 8.66
N ILE A 345 7.92 14.63 8.54
CA ILE A 345 8.16 15.28 7.26
C ILE A 345 8.91 14.32 6.34
N ASP A 346 8.45 14.22 5.10
CA ASP A 346 9.15 13.48 4.07
C ASP A 346 9.97 14.50 3.27
N VAL A 347 11.29 14.44 3.42
CA VAL A 347 12.13 15.52 2.90
C VAL A 347 12.38 15.37 1.41
N ARG A 348 12.43 14.14 0.90
CA ARG A 348 12.61 13.92 -0.52
C ARG A 348 11.32 13.98 -1.32
N ARG A 349 10.18 14.19 -0.66
CA ARG A 349 8.90 14.35 -1.35
C ARG A 349 8.10 15.54 -0.87
N ASN A 350 8.57 16.27 0.15
CA ASN A 350 7.92 17.49 0.62
C ASN A 350 6.47 17.23 1.05
N ILE A 351 6.29 16.17 1.84
CA ILE A 351 4.99 15.80 2.38
C ILE A 351 5.15 15.57 3.87
N VAL A 352 4.21 16.11 4.65
CA VAL A 352 4.22 16.00 6.10
C VAL A 352 3.07 15.11 6.52
N THR A 353 3.36 14.09 7.33
CA THR A 353 2.39 13.10 7.76
C THR A 353 2.07 13.31 9.24
N PHE A 354 0.96 13.97 9.52
CA PHE A 354 0.45 14.01 10.89
C PHE A 354 -0.27 12.72 11.21
N THR A 355 -0.55 12.50 12.48
CA THR A 355 -1.44 11.43 12.91
C THR A 355 -2.40 11.96 13.95
N TYR A 356 -3.52 11.27 14.10
CA TYR A 356 -4.52 11.63 15.08
C TYR A 356 -4.06 11.25 16.48
N THR A 357 -4.49 12.01 17.47
CA THR A 357 -4.34 11.58 18.85
C THR A 357 -5.31 10.44 19.12
N LEU A 358 -4.95 9.58 20.07
CA LEU A 358 -5.82 8.44 20.36
C LEU A 358 -7.22 8.86 20.72
N ASP A 359 -7.38 10.06 21.29
CA ASP A 359 -8.73 10.55 21.58
C ASP A 359 -9.47 10.89 20.30
N ALA A 360 -8.81 11.57 19.36
CA ALA A 360 -9.52 12.09 18.19
C ALA A 360 -10.04 10.95 17.33
N CYS A 361 -9.19 10.00 16.95
CA CYS A 361 -9.66 8.77 16.32
C CYS A 361 -8.71 7.64 16.73
N GLY A 362 -9.10 6.89 17.76
CA GLY A 362 -8.39 5.69 18.16
C GLY A 362 -9.22 4.45 17.89
N THR A 363 -8.58 3.44 17.31
CA THR A 363 -9.19 2.12 17.21
C THR A 363 -8.19 1.06 17.60
N TYR A 364 -8.70 -0.10 17.98
CA TYR A 364 -7.86 -1.29 18.10
C TYR A 364 -7.41 -1.73 16.72
N ALA A 365 -6.20 -2.27 16.63
CA ALA A 365 -5.70 -2.86 15.40
C ALA A 365 -5.24 -4.27 15.70
N ARG A 366 -5.98 -5.27 15.22
CA ARG A 366 -5.56 -6.65 15.38
C ARG A 366 -4.23 -6.86 14.68
N LYS A 367 -3.25 -7.40 15.40
CA LYS A 367 -1.94 -7.60 14.80
C LYS A 367 -2.00 -8.62 13.67
N TRP A 368 -2.75 -9.70 13.85
CA TRP A 368 -2.77 -10.78 12.89
C TRP A 368 -4.19 -11.18 12.53
N THR A 369 -4.34 -11.78 11.36
CA THR A 369 -5.58 -12.42 10.96
C THR A 369 -5.69 -13.78 11.63
N LEU A 370 -6.88 -14.11 12.13
CA LEU A 370 -7.05 -15.36 12.85
C LEU A 370 -7.18 -16.51 11.86
N LYS A 371 -6.66 -17.66 12.25
CA LYS A 371 -6.65 -18.82 11.36
C LYS A 371 -6.95 -20.10 12.14
N GLY A 372 -6.87 -21.21 11.41
CA GLY A 372 -6.86 -22.55 11.98
C GLY A 372 -7.92 -22.84 13.03
N LYS A 373 -7.46 -23.13 14.23
CA LYS A 373 -8.33 -23.47 15.36
C LYS A 373 -8.73 -22.23 16.15
N GLN A 374 -8.37 -21.05 15.68
CA GLN A 374 -8.63 -19.80 16.39
C GLN A 374 -9.90 -19.11 15.90
N THR A 375 -10.55 -19.65 14.87
CA THR A 375 -11.80 -19.07 14.40
C THR A 375 -12.97 -19.54 15.24
N LYS A 376 -13.07 -20.86 15.46
CA LYS A 376 -14.19 -21.37 16.25
C LYS A 376 -14.21 -20.75 17.64
N ALA A 377 -13.03 -20.62 18.27
CA ALA A 377 -13.01 -20.09 19.62
C ALA A 377 -13.35 -18.61 19.62
N THR A 378 -12.92 -17.87 18.59
CA THR A 378 -13.34 -16.48 18.47
C THR A 378 -14.84 -16.38 18.20
N LEU A 379 -15.37 -17.24 17.34
CA LEU A 379 -16.80 -17.22 17.07
C LEU A 379 -17.61 -17.64 18.28
N ASP A 380 -17.08 -18.56 19.10
CA ASP A 380 -17.74 -18.90 20.35
C ASP A 380 -17.91 -17.67 21.22
N LYS A 381 -16.91 -16.79 21.24
CA LYS A 381 -16.97 -15.63 22.10
C LYS A 381 -17.89 -14.55 21.53
N LEU A 382 -17.70 -14.19 20.26
CA LEU A 382 -18.47 -13.08 19.71
C LEU A 382 -19.96 -13.41 19.61
N THR A 383 -20.30 -14.68 19.52
CA THR A 383 -21.70 -15.07 19.35
C THR A 383 -22.42 -15.32 20.68
N ALA A 384 -21.70 -15.39 21.80
CA ALA A 384 -22.37 -15.59 23.09
C ALA A 384 -23.48 -14.58 23.30
N THR A 385 -23.25 -13.33 22.90
CA THR A 385 -24.18 -12.23 23.19
C THR A 385 -25.08 -11.90 22.01
N GLN A 386 -24.50 -11.61 20.85
CA GLN A 386 -25.25 -11.20 19.66
C GLN A 386 -24.86 -12.08 18.49
N THR A 387 -25.57 -11.89 17.38
CA THR A 387 -25.30 -12.62 16.16
C THR A 387 -24.34 -11.82 15.29
N VAL A 388 -23.43 -12.52 14.62
CA VAL A 388 -22.38 -11.90 13.81
C VAL A 388 -22.48 -12.44 12.39
N ALA A 389 -22.55 -11.53 11.42
CA ALA A 389 -22.57 -11.92 10.02
C ALA A 389 -21.22 -12.48 9.62
N LEU A 390 -21.24 -13.39 8.65
CA LEU A 390 -20.04 -14.10 8.18
C LEU A 390 -20.05 -14.11 6.66
N VAL A 391 -19.40 -13.13 6.04
CA VAL A 391 -19.28 -13.08 4.59
C VAL A 391 -18.05 -13.87 4.18
N ALA A 392 -18.23 -14.84 3.28
CA ALA A 392 -17.16 -15.68 2.79
C ALA A 392 -16.76 -15.23 1.39
N ILE A 393 -15.47 -14.97 1.21
CA ILE A 393 -14.92 -14.37 -0.01
C ILE A 393 -14.03 -15.39 -0.70
N ASP A 394 -14.20 -15.54 -2.01
CA ASP A 394 -13.41 -16.46 -2.82
C ASP A 394 -12.93 -15.72 -4.06
N LEU A 395 -11.61 -15.56 -4.17
CA LEU A 395 -10.99 -14.79 -5.23
C LEU A 395 -10.75 -15.67 -6.45
N GLY A 396 -10.76 -15.04 -7.62
CA GLY A 396 -10.42 -15.73 -8.84
C GLY A 396 -10.09 -14.74 -9.93
N GLN A 397 -10.02 -15.23 -11.16
CA GLN A 397 -9.66 -14.39 -12.30
C GLN A 397 -10.78 -14.23 -13.31
N THR A 398 -11.66 -15.21 -13.47
CA THR A 398 -12.88 -14.98 -14.24
C THR A 398 -13.81 -14.04 -13.50
N ASN A 399 -14.00 -14.29 -12.21
CA ASN A 399 -14.87 -13.51 -11.36
C ASN A 399 -14.03 -13.00 -10.20
N PRO A 400 -13.70 -11.71 -10.14
CA PRO A 400 -12.73 -11.26 -9.13
C PRO A 400 -13.12 -11.64 -7.72
N ILE A 401 -14.33 -11.28 -7.28
CA ILE A 401 -14.85 -11.73 -6.00
C ILE A 401 -16.17 -12.45 -6.22
N SER A 402 -16.33 -13.58 -5.54
CA SER A 402 -17.63 -14.18 -5.29
C SER A 402 -17.82 -14.24 -3.79
N ALA A 403 -18.95 -13.75 -3.30
CA ALA A 403 -19.19 -13.61 -1.88
C ALA A 403 -20.44 -14.36 -1.47
N GLY A 404 -20.37 -15.04 -0.33
CA GLY A 404 -21.54 -15.62 0.28
C GLY A 404 -21.72 -15.15 1.71
N ILE A 405 -22.81 -14.45 1.97
CA ILE A 405 -23.09 -13.89 3.29
C ILE A 405 -23.87 -14.92 4.10
N SER A 406 -23.38 -15.24 5.30
CA SER A 406 -24.15 -15.99 6.28
C SER A 406 -24.34 -15.14 7.54
N ARG A 407 -25.05 -15.70 8.50
CA ARG A 407 -25.26 -15.05 9.80
C ARG A 407 -25.12 -16.14 10.87
N VAL A 408 -23.92 -16.27 11.43
CA VAL A 408 -23.63 -17.39 12.32
C VAL A 408 -24.21 -17.06 13.70
N THR A 409 -25.41 -17.56 13.95
CA THR A 409 -26.03 -17.52 15.26
C THR A 409 -25.51 -18.68 16.12
N GLN A 410 -25.78 -18.62 17.41
CA GLN A 410 -25.31 -19.67 18.32
C GLN A 410 -26.48 -20.26 19.09
N GLU A 411 -26.60 -21.58 19.03
CA GLU A 411 -27.44 -22.38 19.90
C GLU A 411 -26.56 -22.98 21.00
N ASN A 412 -27.20 -23.51 22.04
CA ASN A 412 -26.45 -24.00 23.19
C ASN A 412 -25.39 -25.00 22.74
N GLY A 413 -24.14 -24.67 23.05
CA GLY A 413 -23.02 -25.55 22.70
C GLY A 413 -22.98 -25.96 21.25
N ALA A 414 -23.29 -25.04 20.35
CA ALA A 414 -23.09 -25.28 18.92
C ALA A 414 -23.10 -23.94 18.20
N LEU A 415 -22.69 -23.97 16.93
CA LEU A 415 -22.77 -22.83 16.04
C LEU A 415 -23.62 -23.21 14.83
N GLN A 416 -24.73 -22.50 14.64
CA GLN A 416 -25.47 -22.63 13.40
C GLN A 416 -24.90 -21.67 12.35
N CYS A 417 -25.31 -21.87 11.10
CA CYS A 417 -24.93 -20.95 10.03
C CYS A 417 -26.06 -20.89 9.02
N GLU A 418 -26.92 -19.89 9.15
CA GLU A 418 -27.92 -19.65 8.13
C GLU A 418 -27.24 -19.16 6.86
N PRO A 419 -27.34 -19.85 5.73
CA PRO A 419 -26.96 -19.22 4.46
C PRO A 419 -27.95 -18.12 4.14
N LEU A 420 -27.43 -16.94 3.80
CA LEU A 420 -28.28 -15.77 3.64
C LEU A 420 -28.32 -15.24 2.21
N ASP A 421 -27.17 -15.01 1.59
CA ASP A 421 -27.18 -14.43 0.26
C ASP A 421 -25.83 -14.56 -0.42
N ARG A 422 -25.83 -15.04 -1.66
CA ARG A 422 -24.62 -15.14 -2.48
C ARG A 422 -24.67 -14.08 -3.57
N PHE A 423 -23.56 -13.39 -3.78
CA PHE A 423 -23.52 -12.36 -4.80
C PHE A 423 -22.11 -12.21 -5.35
N THR A 424 -22.01 -11.47 -6.44
CA THR A 424 -20.76 -11.08 -7.07
C THR A 424 -20.74 -9.57 -7.21
N LEU A 425 -19.54 -9.00 -7.35
CA LEU A 425 -19.44 -7.55 -7.42
C LEU A 425 -20.03 -7.06 -8.74
N PRO A 426 -20.53 -5.82 -8.77
CA PRO A 426 -21.39 -5.41 -9.88
C PRO A 426 -20.65 -5.24 -11.19
N ASP A 427 -21.38 -4.85 -12.24
CA ASP A 427 -20.76 -4.63 -13.54
C ASP A 427 -19.99 -3.32 -13.57
N ASP A 428 -20.31 -2.38 -12.70
CA ASP A 428 -19.57 -1.12 -12.65
C ASP A 428 -18.12 -1.34 -12.25
N LEU A 429 -17.90 -2.15 -11.20
CA LEU A 429 -16.53 -2.43 -10.80
C LEU A 429 -15.83 -3.34 -11.80
N LEU A 430 -16.58 -4.21 -12.49
CA LEU A 430 -15.98 -5.02 -13.54
C LEU A 430 -15.55 -4.14 -14.71
N LYS A 431 -16.35 -3.13 -15.04
CA LYS A 431 -15.95 -2.20 -16.09
C LYS A 431 -14.68 -1.44 -15.71
N ASP A 432 -14.55 -1.07 -14.43
CA ASP A 432 -13.37 -0.33 -14.01
C ASP A 432 -12.13 -1.22 -14.05
N ILE A 433 -12.27 -2.49 -13.71
CA ILE A 433 -11.16 -3.43 -13.87
C ILE A 433 -10.75 -3.51 -15.34
N SER A 434 -11.73 -3.60 -16.23
CA SER A 434 -11.41 -3.63 -17.66
C SER A 434 -10.77 -2.32 -18.10
N ALA A 435 -11.30 -1.19 -17.63
CA ALA A 435 -10.77 0.10 -18.05
C ALA A 435 -9.37 0.32 -17.50
N TYR A 436 -9.07 -0.24 -16.33
CA TYR A 436 -7.70 -0.15 -15.82
C TYR A 436 -6.75 -0.97 -16.68
N ARG A 437 -7.20 -2.11 -17.19
CA ARG A 437 -6.33 -2.91 -18.04
C ARG A 437 -6.17 -2.30 -19.42
N ILE A 438 -7.17 -1.54 -19.88
CA ILE A 438 -7.01 -0.81 -21.14
C ILE A 438 -6.11 0.40 -20.94
N ALA A 439 -6.23 1.08 -19.80
CA ALA A 439 -5.36 2.20 -19.53
C ALA A 439 -3.91 1.77 -19.44
N TRP A 440 -3.66 0.61 -18.83
CA TRP A 440 -2.29 0.11 -18.74
C TRP A 440 -1.73 -0.18 -20.13
N ASP A 441 -2.52 -0.83 -20.99
CA ASP A 441 -2.07 -1.09 -22.35
C ASP A 441 -1.85 0.20 -23.12
N ARG A 442 -2.75 1.17 -22.95
CA ARG A 442 -2.63 2.43 -23.67
C ARG A 442 -1.36 3.17 -23.23
N ASN A 443 -1.15 3.26 -21.91
CA ASN A 443 0.09 3.87 -21.41
C ASN A 443 1.31 3.20 -22.00
N GLU A 444 1.33 1.86 -22.01
CA GLU A 444 2.48 1.16 -22.55
C GLU A 444 2.67 1.46 -24.02
N GLU A 445 1.57 1.52 -24.78
CA GLU A 445 1.66 1.89 -26.18
C GLU A 445 2.09 3.34 -26.34
N GLU A 446 1.59 4.24 -25.49
CA GLU A 446 2.01 5.64 -25.56
C GLU A 446 3.49 5.78 -25.26
N LEU A 447 3.99 5.07 -24.25
CA LEU A 447 5.42 5.10 -23.97
C LEU A 447 6.22 4.58 -25.14
N ARG A 448 5.76 3.48 -25.75
CA ARG A 448 6.48 2.91 -26.89
C ARG A 448 6.52 3.89 -28.05
N ALA A 449 5.38 4.51 -28.36
CA ALA A 449 5.32 5.45 -29.46
C ALA A 449 6.10 6.73 -29.18
N ARG A 450 6.34 7.06 -27.91
CA ARG A 450 7.12 8.24 -27.58
C ARG A 450 8.61 7.95 -27.41
N SER A 451 8.98 6.68 -27.27
CA SER A 451 10.39 6.31 -27.35
C SER A 451 10.87 6.32 -28.80
N VAL A 452 9.95 6.08 -29.74
CA VAL A 452 10.30 6.14 -31.16
C VAL A 452 10.70 7.55 -31.55
N GLU A 453 10.03 8.56 -30.99
CA GLU A 453 10.30 9.94 -31.35
C GLU A 453 11.62 10.47 -30.81
N ALA A 454 12.30 9.72 -29.94
CA ALA A 454 13.57 10.16 -29.38
C ALA A 454 14.76 9.68 -30.20
N LEU A 455 14.52 9.03 -31.31
CA LEU A 455 15.57 8.61 -32.21
C LEU A 455 15.86 9.69 -33.25
N PRO A 456 17.10 9.77 -33.75
CA PRO A 456 17.36 10.66 -34.89
C PRO A 456 16.56 10.22 -36.11
N GLU A 457 16.45 11.14 -37.07
CA GLU A 457 15.48 10.93 -38.15
C GLU A 457 15.81 9.72 -39.00
N ALA A 458 17.08 9.30 -39.05
CA ALA A 458 17.44 8.16 -39.88
C ALA A 458 17.03 6.85 -39.21
N GLN A 459 17.54 6.60 -38.01
CA GLN A 459 17.14 5.40 -37.28
C GLN A 459 15.64 5.41 -37.00
N GLN A 460 15.08 6.60 -36.81
CA GLN A 460 13.63 6.71 -36.61
C GLN A 460 12.87 6.10 -37.76
N ALA A 461 13.25 6.46 -39.00
CA ALA A 461 12.59 5.87 -40.16
C ALA A 461 12.85 4.38 -40.23
N GLU A 462 14.08 3.96 -39.89
CA GLU A 462 14.41 2.54 -39.94
C GLU A 462 13.50 1.73 -39.02
N VAL A 463 13.31 2.19 -37.78
CA VAL A 463 12.43 1.47 -36.86
C VAL A 463 10.97 1.56 -37.32
N ARG A 464 10.53 2.74 -37.75
CA ARG A 464 9.14 2.89 -38.18
C ARG A 464 8.82 1.90 -39.29
N ALA A 465 9.67 1.83 -40.31
CA ALA A 465 9.40 0.95 -41.45
C ALA A 465 9.33 -0.50 -41.02
N LEU A 466 10.32 -0.95 -40.25
CA LEU A 466 10.40 -2.36 -39.89
C LEU A 466 9.21 -2.77 -39.02
N ASP A 467 8.83 -1.94 -38.06
CA ASP A 467 7.67 -2.25 -37.24
C ASP A 467 6.38 -2.24 -38.07
N GLY A 468 6.32 -1.42 -39.11
CA GLY A 468 5.13 -1.40 -39.95
C GLY A 468 4.94 -2.69 -40.72
N VAL A 469 6.03 -3.27 -41.21
CA VAL A 469 5.99 -4.42 -42.11
C VAL A 469 6.51 -5.68 -41.42
N SER A 470 6.63 -5.66 -40.09
CA SER A 470 7.30 -6.74 -39.37
C SER A 470 6.64 -8.08 -39.64
N LYS A 471 5.32 -8.14 -39.51
CA LYS A 471 4.63 -9.44 -39.60
C LYS A 471 4.62 -9.95 -41.02
N GLU A 472 4.39 -9.05 -41.99
CA GLU A 472 4.39 -9.46 -43.39
C GLU A 472 5.75 -10.00 -43.78
N THR A 473 6.83 -9.34 -43.35
CA THR A 473 8.17 -9.77 -43.73
C THR A 473 8.46 -11.16 -43.19
N ALA A 474 8.12 -11.40 -41.91
CA ALA A 474 8.35 -12.73 -41.35
C ALA A 474 7.53 -13.79 -42.07
N ARG A 475 6.27 -13.49 -42.37
CA ARG A 475 5.44 -14.47 -43.06
C ARG A 475 6.00 -14.78 -44.44
N THR A 476 6.29 -13.75 -45.23
CA THR A 476 6.77 -13.99 -46.59
C THR A 476 8.14 -14.64 -46.59
N GLN A 477 9.01 -14.23 -45.65
CA GLN A 477 10.34 -14.84 -45.59
C GLN A 477 10.22 -16.32 -45.23
N LEU A 478 9.37 -16.65 -44.25
CA LEU A 478 9.20 -18.04 -43.87
C LEU A 478 8.64 -18.86 -45.02
N CYS A 479 7.59 -18.36 -45.67
CA CYS A 479 6.97 -19.12 -46.75
C CYS A 479 7.94 -19.38 -47.89
N ALA A 480 8.68 -18.35 -48.29
CA ALA A 480 9.64 -18.51 -49.39
C ALA A 480 10.75 -19.46 -49.01
N ASP A 481 11.22 -19.40 -47.76
CA ASP A 481 12.36 -20.21 -47.36
C ASP A 481 11.99 -21.69 -47.35
N PHE A 482 10.82 -22.03 -46.83
CA PHE A 482 10.39 -23.41 -46.69
C PHE A 482 9.33 -23.82 -47.70
N GLY A 483 9.00 -22.95 -48.66
CA GLY A 483 8.13 -23.33 -49.75
C GLY A 483 6.66 -23.46 -49.41
N LEU A 484 6.27 -23.23 -48.16
CA LEU A 484 4.87 -23.33 -47.80
C LEU A 484 4.05 -22.27 -48.51
N ASP A 485 2.86 -22.65 -48.95
CA ASP A 485 1.92 -21.70 -49.51
C ASP A 485 1.21 -20.97 -48.38
N PRO A 486 1.24 -19.62 -48.35
CA PRO A 486 0.58 -18.93 -47.23
C PRO A 486 -0.91 -19.19 -47.13
N LYS A 487 -1.59 -19.38 -48.25
CA LYS A 487 -3.05 -19.53 -48.21
C LYS A 487 -3.47 -20.91 -47.70
N ARG A 488 -2.66 -21.94 -47.96
CA ARG A 488 -2.99 -23.28 -47.51
C ARG A 488 -2.96 -23.41 -45.99
N LEU A 489 -2.23 -22.53 -45.30
CA LEU A 489 -2.03 -22.66 -43.86
C LEU A 489 -2.89 -21.64 -43.13
N PRO A 490 -3.74 -22.04 -42.18
CA PRO A 490 -4.54 -21.05 -41.45
C PRO A 490 -3.67 -20.22 -40.54
N TRP A 491 -3.88 -18.90 -40.59
CA TRP A 491 -3.04 -17.96 -39.85
C TRP A 491 -3.67 -17.49 -38.55
N ASP A 492 -4.96 -17.14 -38.56
CA ASP A 492 -5.56 -16.54 -37.38
C ASP A 492 -5.69 -17.52 -36.23
N LYS A 493 -5.72 -18.83 -36.50
CA LYS A 493 -5.78 -19.82 -35.42
C LYS A 493 -4.38 -20.26 -35.01
N MET A 494 -3.54 -19.29 -34.64
CA MET A 494 -2.23 -19.53 -34.09
C MET A 494 -2.25 -19.21 -32.61
N SER A 495 -1.77 -20.14 -31.80
CA SER A 495 -1.72 -20.01 -30.35
C SER A 495 -0.29 -20.17 -29.88
N SER A 496 -0.10 -20.09 -28.56
CA SER A 496 1.24 -20.17 -28.00
C SER A 496 1.83 -21.56 -28.09
N ASN A 497 1.00 -22.60 -28.23
CA ASN A 497 1.51 -23.97 -28.26
C ASN A 497 1.00 -24.77 -29.45
N THR A 498 0.28 -24.15 -30.38
CA THR A 498 -0.15 -24.87 -31.57
C THR A 498 1.07 -25.22 -32.42
N THR A 499 0.86 -26.11 -33.39
CA THR A 499 1.94 -26.64 -34.21
C THR A 499 1.57 -26.65 -35.68
N PHE A 500 0.92 -25.58 -36.16
CA PHE A 500 0.43 -25.58 -37.52
C PHE A 500 1.57 -25.50 -38.53
N ILE A 501 2.58 -24.68 -38.25
CA ILE A 501 3.72 -24.60 -39.17
C ILE A 501 4.40 -25.95 -39.30
N SER A 502 4.56 -26.65 -38.18
CA SER A 502 5.29 -27.92 -38.22
C SER A 502 4.52 -28.97 -39.01
N GLU A 503 3.20 -29.01 -38.89
CA GLU A 503 2.44 -30.00 -39.66
C GLU A 503 2.51 -29.71 -41.15
N ALA A 504 2.46 -28.43 -41.53
CA ALA A 504 2.60 -28.09 -42.94
C ALA A 504 4.00 -28.45 -43.45
N LEU A 505 5.02 -28.20 -42.63
CA LEU A 505 6.36 -28.62 -42.99
C LEU A 505 6.44 -30.14 -43.19
N LEU A 506 5.90 -30.89 -42.23
CA LEU A 506 5.98 -32.35 -42.32
C LEU A 506 5.09 -32.89 -43.42
N SER A 507 4.00 -32.19 -43.76
CA SER A 507 3.25 -32.58 -44.94
C SER A 507 4.08 -32.41 -46.20
N ASN A 508 4.84 -31.30 -46.28
CA ASN A 508 5.84 -31.18 -47.32
C ASN A 508 6.99 -32.18 -47.10
N SER A 509 7.31 -32.46 -45.84
CA SER A 509 8.26 -33.51 -45.48
C SER A 509 9.63 -33.26 -46.13
N VAL A 510 10.23 -32.12 -45.81
CA VAL A 510 11.58 -31.85 -46.29
C VAL A 510 12.63 -32.50 -45.40
N SER A 511 12.48 -32.37 -44.08
CA SER A 511 13.34 -33.04 -43.13
C SER A 511 12.76 -32.82 -41.74
N ARG A 512 13.26 -33.59 -40.77
CA ARG A 512 12.87 -33.41 -39.38
C ARG A 512 13.95 -32.73 -38.55
N ASP A 513 15.08 -32.37 -39.17
CA ASP A 513 16.18 -31.78 -38.41
C ASP A 513 15.84 -30.38 -37.91
N GLN A 514 15.27 -29.54 -38.77
CA GLN A 514 15.08 -28.14 -38.43
C GLN A 514 13.95 -27.90 -37.45
N VAL A 515 13.06 -28.88 -37.24
CA VAL A 515 11.81 -28.65 -36.53
C VAL A 515 11.83 -29.26 -35.13
N PHE A 516 12.04 -30.57 -35.02
CA PHE A 516 12.15 -31.18 -33.71
C PHE A 516 13.45 -30.77 -33.06
N PHE A 517 13.43 -30.60 -31.74
CA PHE A 517 14.58 -30.13 -31.00
C PHE A 517 14.56 -30.73 -29.61
N THR A 518 15.66 -30.56 -28.89
CA THR A 518 15.92 -31.23 -27.63
C THR A 518 15.94 -30.23 -26.48
N PRO A 519 14.78 -29.79 -25.98
CA PRO A 519 14.76 -28.79 -24.91
C PRO A 519 15.71 -29.10 -23.77
N ALA A 520 16.64 -28.19 -23.50
CA ALA A 520 17.52 -28.36 -22.36
C ALA A 520 16.70 -28.38 -21.07
N PRO A 521 16.83 -29.42 -20.24
CA PRO A 521 16.00 -29.49 -19.03
C PRO A 521 16.13 -28.25 -18.18
N LYS A 522 14.99 -27.69 -17.78
CA LYS A 522 14.97 -26.49 -16.95
C LYS A 522 15.39 -26.80 -15.51
N PRO A 530 14.74 -34.87 -21.99
CA PRO A 530 15.17 -35.68 -23.15
C PRO A 530 14.05 -35.88 -24.17
N VAL A 531 12.86 -35.41 -23.84
CA VAL A 531 11.72 -35.54 -24.73
C VAL A 531 11.95 -34.68 -25.98
N GLU A 532 11.43 -35.15 -27.10
CA GLU A 532 11.56 -34.47 -28.38
C GLU A 532 10.22 -33.86 -28.74
N VAL A 533 10.23 -32.56 -29.04
CA VAL A 533 9.01 -31.83 -29.37
C VAL A 533 9.27 -30.99 -30.62
N MET A 534 8.36 -31.05 -31.57
CA MET A 534 8.40 -30.17 -32.73
C MET A 534 8.26 -28.72 -32.29
N ARG A 535 9.15 -27.87 -32.78
CA ARG A 535 9.13 -26.47 -32.36
C ARG A 535 7.84 -25.80 -32.81
N LYS A 536 7.30 -24.95 -31.95
CA LYS A 536 5.96 -24.41 -32.10
C LYS A 536 5.97 -23.16 -32.97
N ASP A 537 4.79 -22.57 -33.14
CA ASP A 537 4.61 -21.45 -34.05
C ASP A 537 5.00 -20.12 -33.41
N ARG A 538 4.88 -19.99 -32.09
CA ARG A 538 5.40 -18.81 -31.43
C ARG A 538 6.92 -18.76 -31.56
N THR A 539 7.57 -19.92 -31.46
CA THR A 539 9.01 -19.99 -31.65
C THR A 539 9.39 -19.64 -33.09
N TRP A 540 8.62 -20.12 -34.06
CA TRP A 540 8.93 -19.81 -35.45
C TRP A 540 8.85 -18.32 -35.70
N ALA A 541 7.81 -17.66 -35.18
CA ALA A 541 7.66 -16.23 -35.38
C ALA A 541 8.82 -15.46 -34.74
N ARG A 542 9.23 -15.86 -33.54
CA ARG A 542 10.33 -15.16 -32.87
C ARG A 542 11.61 -15.29 -33.66
N ALA A 543 11.96 -16.51 -34.09
CA ALA A 543 13.19 -16.72 -34.83
C ALA A 543 13.14 -16.17 -36.24
N TYR A 544 11.97 -15.73 -36.72
CA TYR A 544 11.86 -15.17 -38.06
C TYR A 544 11.43 -13.71 -38.08
N LYS A 545 11.25 -13.08 -36.94
CA LYS A 545 10.95 -11.66 -36.93
C LYS A 545 12.17 -10.89 -37.45
N PRO A 546 11.97 -9.78 -38.17
CA PRO A 546 13.12 -9.00 -38.66
C PRO A 546 13.71 -8.18 -37.53
N ARG A 547 14.88 -8.58 -37.05
CA ARG A 547 15.54 -7.87 -35.99
C ARG A 547 16.04 -6.51 -36.46
N LEU A 548 16.03 -5.55 -35.55
CA LEU A 548 16.43 -4.18 -35.85
C LEU A 548 17.89 -3.98 -35.47
N SER A 549 18.57 -3.11 -36.20
CA SER A 549 20.01 -2.99 -36.09
C SER A 549 20.43 -2.82 -34.64
N VAL A 550 21.60 -3.40 -34.31
CA VAL A 550 22.05 -3.45 -32.92
C VAL A 550 22.22 -2.04 -32.37
N GLU A 551 22.77 -1.13 -33.17
CA GLU A 551 22.94 0.24 -32.71
C GLU A 551 21.60 0.94 -32.54
N ALA A 552 20.68 0.75 -33.49
CA ALA A 552 19.36 1.37 -33.35
C ALA A 552 18.59 0.80 -32.18
N GLN A 553 18.74 -0.51 -31.91
CA GLN A 553 18.05 -1.11 -30.78
C GLN A 553 18.58 -0.55 -29.46
N LYS A 554 19.89 -0.37 -29.35
CA LYS A 554 20.45 0.19 -28.13
C LYS A 554 19.89 1.57 -27.87
N LEU A 555 19.87 2.43 -28.89
CA LEU A 555 19.31 3.76 -28.73
C LEU A 555 17.83 3.70 -28.38
N LYS A 556 17.08 2.85 -29.08
CA LYS A 556 15.63 2.84 -28.88
C LYS A 556 15.26 2.36 -27.48
N ASN A 557 15.92 1.30 -26.99
CA ASN A 557 15.55 0.80 -25.68
C ASN A 557 16.12 1.67 -24.56
N GLU A 558 17.23 2.36 -24.80
CA GLU A 558 17.71 3.33 -23.82
C GLU A 558 16.75 4.52 -23.73
N ALA A 559 16.20 4.97 -24.86
CA ALA A 559 15.17 6.00 -24.80
C ALA A 559 13.96 5.52 -24.02
N LEU A 560 13.56 4.26 -24.25
CA LEU A 560 12.42 3.73 -23.51
C LEU A 560 12.71 3.66 -22.02
N TRP A 561 13.92 3.23 -21.66
CA TRP A 561 14.29 3.18 -20.25
C TRP A 561 14.22 4.57 -19.63
N ALA A 562 14.66 5.60 -20.36
CA ALA A 562 14.62 6.95 -19.83
C ALA A 562 13.18 7.42 -19.61
N LEU A 563 12.32 7.20 -20.61
CA LEU A 563 10.93 7.60 -20.48
C LEU A 563 10.25 6.88 -19.32
N LYS A 564 10.52 5.59 -19.17
CA LYS A 564 9.89 4.82 -18.11
C LYS A 564 10.31 5.31 -16.73
N ARG A 565 11.60 5.63 -16.55
CA ARG A 565 12.09 5.98 -15.23
C ARG A 565 11.46 7.27 -14.72
N THR A 566 11.25 8.26 -15.60
CA THR A 566 10.72 9.56 -15.22
C THR A 566 9.27 9.72 -15.64
N SER A 567 8.48 8.65 -15.60
CA SER A 567 7.11 8.70 -16.06
C SER A 567 6.16 8.83 -14.87
N PRO A 568 5.29 9.84 -14.83
CA PRO A 568 4.31 9.93 -13.76
C PRO A 568 3.22 8.88 -13.83
N GLU A 569 3.14 8.12 -14.92
CA GLU A 569 1.97 7.30 -15.19
C GLU A 569 1.93 6.04 -14.33
N TYR A 570 3.10 5.46 -14.02
CA TYR A 570 3.09 4.18 -13.32
C TYR A 570 2.58 4.36 -11.89
N LEU A 571 2.89 5.49 -11.26
CA LEU A 571 2.30 5.78 -9.96
C LEU A 571 0.78 5.91 -10.07
N LYS A 572 0.30 6.55 -11.14
CA LYS A 572 -1.14 6.69 -11.32
C LYS A 572 -1.82 5.32 -11.41
N LEU A 573 -1.22 4.38 -12.13
CA LEU A 573 -1.87 3.11 -12.34
C LEU A 573 -1.78 2.22 -11.11
N SER A 574 -0.65 2.25 -10.40
CA SER A 574 -0.55 1.47 -9.17
C SER A 574 -1.51 2.00 -8.12
N ARG A 575 -1.65 3.32 -8.00
CA ARG A 575 -2.66 3.88 -7.12
C ARG A 575 -4.06 3.54 -7.62
N ARG A 576 -4.26 3.57 -8.94
CA ARG A 576 -5.57 3.27 -9.50
C ARG A 576 -5.99 1.86 -9.14
N LYS A 577 -5.08 0.89 -9.29
CA LYS A 577 -5.41 -0.49 -8.97
C LYS A 577 -5.64 -0.67 -7.48
N GLU A 578 -4.83 -0.01 -6.65
CA GLU A 578 -4.98 -0.16 -5.20
C GLU A 578 -6.31 0.40 -4.74
N GLU A 579 -6.66 1.60 -5.20
CA GLU A 579 -7.93 2.18 -4.80
C GLU A 579 -9.11 1.40 -5.37
N LEU A 580 -8.91 0.70 -6.48
CA LEU A 580 -9.97 -0.13 -7.03
C LEU A 580 -10.09 -1.45 -6.28
N CYS A 581 -9.00 -1.93 -5.68
CA CYS A 581 -9.09 -3.12 -4.85
C CYS A 581 -9.77 -2.81 -3.53
N ARG A 582 -9.50 -1.64 -2.96
CA ARG A 582 -10.17 -1.24 -1.74
C ARG A 582 -11.62 -0.90 -2.00
N ARG A 583 -11.90 -0.25 -3.14
CA ARG A 583 -13.29 0.05 -3.48
C ARG A 583 -14.10 -1.22 -3.63
N SER A 584 -13.47 -2.33 -4.03
CA SER A 584 -14.18 -3.55 -4.30
C SER A 584 -14.36 -4.42 -3.05
N ILE A 585 -13.63 -4.12 -1.97
CA ILE A 585 -13.94 -4.72 -0.68
C ILE A 585 -14.83 -3.84 0.16
N ASN A 586 -15.00 -2.57 -0.20
CA ASN A 586 -15.90 -1.70 0.56
C ASN A 586 -17.34 -1.90 0.11
N TYR A 587 -17.57 -2.02 -1.19
CA TYR A 587 -18.86 -2.49 -1.67
C TYR A 587 -19.25 -3.80 -0.97
N VAL A 588 -18.32 -4.75 -0.95
CA VAL A 588 -18.59 -6.03 -0.31
C VAL A 588 -19.00 -5.84 1.15
N ILE A 589 -18.25 -5.02 1.88
CA ILE A 589 -18.54 -4.82 3.28
C ILE A 589 -19.84 -4.05 3.46
N GLU A 590 -20.05 -3.01 2.65
CA GLU A 590 -21.27 -2.23 2.80
C GLU A 590 -22.49 -3.05 2.42
N LYS A 591 -22.37 -3.91 1.40
CA LYS A 591 -23.52 -4.72 1.00
C LYS A 591 -23.89 -5.73 2.07
N THR A 592 -22.89 -6.43 2.63
CA THR A 592 -23.18 -7.38 3.70
C THR A 592 -23.74 -6.67 4.93
N ARG A 593 -23.33 -5.43 5.16
CA ARG A 593 -23.76 -4.72 6.36
C ARG A 593 -25.19 -4.20 6.21
N ARG A 594 -25.56 -3.74 5.02
CA ARG A 594 -26.93 -3.28 4.82
C ARG A 594 -27.92 -4.43 4.68
N ARG A 595 -27.46 -5.63 4.34
CA ARG A 595 -28.38 -6.75 4.21
C ARG A 595 -28.53 -7.53 5.51
N THR A 596 -27.42 -7.97 6.11
CA THR A 596 -27.51 -8.69 7.38
C THR A 596 -27.98 -7.80 8.51
N GLN A 597 -27.95 -6.48 8.34
CA GLN A 597 -28.44 -5.55 9.35
C GLN A 597 -27.84 -5.86 10.72
N CYS A 598 -26.52 -6.09 10.74
CA CYS A 598 -25.81 -6.45 11.96
C CYS A 598 -24.59 -5.57 12.14
N GLN A 599 -24.30 -5.25 13.40
CA GLN A 599 -23.15 -4.39 13.69
C GLN A 599 -21.84 -5.04 13.27
N ILE A 600 -21.67 -6.33 13.55
CA ILE A 600 -20.41 -7.02 13.34
C ILE A 600 -20.54 -7.90 12.10
N VAL A 601 -19.75 -7.60 11.08
CA VAL A 601 -19.56 -8.48 9.93
C VAL A 601 -18.07 -8.74 9.81
N ILE A 602 -17.70 -10.02 9.78
CA ILE A 602 -16.30 -10.42 9.75
C ILE A 602 -16.07 -11.20 8.46
N PRO A 603 -15.19 -10.74 7.57
CA PRO A 603 -14.96 -11.49 6.33
C PRO A 603 -14.16 -12.75 6.58
N VAL A 604 -14.48 -13.78 5.81
CA VAL A 604 -13.78 -15.04 5.84
C VAL A 604 -13.14 -15.23 4.47
N ILE A 605 -11.82 -15.24 4.43
CA ILE A 605 -11.07 -15.26 3.19
C ILE A 605 -10.20 -16.51 3.17
N GLU A 606 -9.90 -16.97 1.97
CA GLU A 606 -9.05 -18.13 1.80
C GLU A 606 -7.63 -17.83 2.26
N ASP A 607 -6.95 -18.85 2.76
CA ASP A 607 -5.56 -18.70 3.19
C ASP A 607 -4.61 -18.96 2.02
N LEU A 608 -4.83 -18.23 0.93
CA LEU A 608 -4.02 -18.39 -0.26
C LEU A 608 -2.70 -17.68 -0.10
N ASN A 609 -1.62 -18.34 -0.49
CA ASN A 609 -0.30 -17.74 -0.45
C ASN A 609 -0.13 -16.94 -1.74
N VAL A 610 -0.19 -15.61 -1.63
CA VAL A 610 -0.33 -14.76 -2.80
C VAL A 610 0.87 -14.81 -3.74
N ARG A 611 1.97 -15.44 -3.33
CA ARG A 611 3.15 -15.41 -4.18
C ARG A 611 2.94 -16.16 -5.50
N PHE A 612 2.04 -17.15 -5.52
CA PHE A 612 1.78 -17.90 -6.75
C PHE A 612 0.44 -17.54 -7.38
N PHE A 613 -0.26 -16.53 -6.87
CA PHE A 613 -1.55 -16.14 -7.40
C PHE A 613 -1.46 -14.91 -8.28
N HIS A 614 -0.25 -14.49 -8.65
CA HIS A 614 -0.06 -13.48 -9.67
C HIS A 614 -0.57 -14.00 -11.00
N GLY A 615 -1.09 -13.10 -11.81
CA GLY A 615 -1.56 -13.44 -13.13
C GLY A 615 -0.45 -13.39 -14.14
N SER A 616 -0.83 -13.26 -15.41
CA SER A 616 0.13 -13.15 -16.49
C SER A 616 -0.49 -12.29 -17.58
N GLY A 617 0.33 -11.90 -18.55
CA GLY A 617 -0.19 -11.22 -19.71
C GLY A 617 -0.78 -12.19 -20.70
N LYS A 618 -1.63 -11.66 -21.58
CA LYS A 618 -2.33 -12.49 -22.56
C LYS A 618 -2.32 -11.79 -23.91
N ARG A 619 -2.10 -12.57 -24.96
CA ARG A 619 -2.26 -12.11 -26.32
C ARG A 619 -3.31 -12.95 -27.01
N LEU A 620 -4.17 -12.31 -27.79
CA LEU A 620 -5.19 -13.03 -28.52
C LEU A 620 -4.53 -13.94 -29.54
N PRO A 621 -4.93 -15.21 -29.65
CA PRO A 621 -4.21 -16.11 -30.55
C PRO A 621 -4.28 -15.61 -31.98
N GLY A 622 -3.20 -15.82 -32.72
CA GLY A 622 -3.11 -15.36 -34.08
C GLY A 622 -1.66 -15.11 -34.46
N TRP A 623 -1.43 -15.03 -35.77
CA TRP A 623 -0.10 -14.68 -36.25
C TRP A 623 0.14 -13.18 -36.16
N ASP A 624 -0.89 -12.37 -36.37
CA ASP A 624 -0.75 -10.92 -36.26
C ASP A 624 -0.36 -10.50 -34.85
N ASN A 625 -0.72 -11.29 -33.85
CA ASN A 625 -0.50 -10.91 -32.46
C ASN A 625 0.70 -11.62 -31.84
N PHE A 626 1.52 -12.27 -32.66
CA PHE A 626 2.81 -12.76 -32.19
C PHE A 626 3.83 -11.64 -32.03
N PHE A 627 3.73 -10.59 -32.84
CA PHE A 627 4.71 -9.51 -32.84
C PHE A 627 4.25 -8.29 -32.07
N THR A 628 3.05 -8.30 -31.52
CA THR A 628 2.62 -7.25 -30.62
C THR A 628 3.00 -7.60 -29.18
N ALA A 629 2.90 -6.62 -28.30
CA ALA A 629 3.20 -6.88 -26.91
C ALA A 629 1.99 -7.48 -26.21
N LYS A 630 2.25 -8.19 -25.12
CA LYS A 630 1.19 -8.89 -24.42
C LYS A 630 0.27 -7.91 -23.71
N LYS A 631 -1.03 -8.02 -24.00
CA LYS A 631 -2.01 -7.24 -23.26
C LYS A 631 -1.97 -7.66 -21.80
N GLU A 632 -2.03 -6.68 -20.90
CA GLU A 632 -1.79 -6.97 -19.50
C GLU A 632 -3.05 -7.55 -18.89
N ASN A 633 -2.90 -8.68 -18.20
CA ASN A 633 -4.03 -9.44 -17.69
C ASN A 633 -3.79 -9.92 -16.26
N ARG A 634 -3.04 -9.16 -15.47
CA ARG A 634 -2.67 -9.66 -14.16
C ARG A 634 -3.91 -9.73 -13.26
N TRP A 635 -3.87 -10.68 -12.33
CA TRP A 635 -5.00 -10.91 -11.45
C TRP A 635 -4.99 -9.95 -10.27
N PHE A 636 -6.19 -9.58 -9.83
CA PHE A 636 -6.35 -8.76 -8.64
C PHE A 636 -6.37 -9.57 -7.36
N ILE A 637 -5.97 -10.85 -7.40
CA ILE A 637 -6.02 -11.68 -6.20
C ILE A 637 -5.12 -11.10 -5.12
N GLN A 638 -3.89 -10.69 -5.49
CA GLN A 638 -3.00 -10.11 -4.50
C GLN A 638 -3.58 -8.83 -3.93
N GLY A 639 -4.13 -7.99 -4.80
CA GLY A 639 -4.73 -6.75 -4.33
C GLY A 639 -5.81 -6.98 -3.30
N LEU A 640 -6.78 -7.84 -3.61
CA LEU A 640 -7.92 -8.02 -2.72
C LEU A 640 -7.55 -8.79 -1.47
N HIS A 641 -6.57 -9.69 -1.55
CA HIS A 641 -6.14 -10.39 -0.34
C HIS A 641 -5.53 -9.42 0.65
N LYS A 642 -4.73 -8.47 0.16
CA LYS A 642 -4.13 -7.48 1.05
C LYS A 642 -5.18 -6.50 1.55
N ALA A 643 -6.19 -6.20 0.74
CA ALA A 643 -7.19 -5.22 1.15
C ALA A 643 -8.04 -5.76 2.30
N PHE A 644 -8.32 -7.06 2.28
CA PHE A 644 -9.04 -7.65 3.41
C PHE A 644 -8.14 -7.78 4.62
N SER A 645 -6.89 -8.21 4.43
CA SER A 645 -5.96 -8.27 5.54
C SER A 645 -5.65 -6.88 6.09
N ASP A 646 -5.84 -5.83 5.29
CA ASP A 646 -5.73 -4.47 5.82
C ASP A 646 -7.02 -4.02 6.51
N LEU A 647 -8.15 -4.55 6.06
CA LEU A 647 -9.41 -4.32 6.78
C LEU A 647 -9.28 -4.72 8.23
N ARG A 648 -8.38 -5.67 8.52
CA ARG A 648 -8.18 -6.14 9.88
C ARG A 648 -7.73 -5.01 10.80
N THR A 649 -6.77 -4.18 10.36
CA THR A 649 -6.13 -3.21 11.24
C THR A 649 -6.75 -1.82 11.14
N HIS A 650 -7.08 -1.36 9.94
CA HIS A 650 -7.59 0.00 9.79
C HIS A 650 -8.90 0.18 10.54
N ARG A 651 -9.80 -0.81 10.47
CA ARG A 651 -11.13 -0.71 11.05
C ARG A 651 -11.40 -1.81 12.08
N SER A 652 -10.35 -2.44 12.60
CA SER A 652 -10.46 -3.41 13.69
C SER A 652 -11.31 -4.62 13.32
N PHE A 653 -11.57 -4.85 12.04
CA PHE A 653 -12.32 -6.04 11.64
C PHE A 653 -11.61 -7.31 12.10
N TYR A 654 -12.39 -8.35 12.35
CA TYR A 654 -11.87 -9.71 12.37
C TYR A 654 -11.69 -10.20 10.95
N VAL A 655 -10.63 -10.97 10.71
CA VAL A 655 -10.41 -11.64 9.43
C VAL A 655 -10.08 -13.10 9.71
N PHE A 656 -10.60 -13.99 8.87
CA PHE A 656 -10.41 -15.43 9.00
C PHE A 656 -9.71 -15.93 7.75
N GLU A 657 -8.46 -16.35 7.89
CA GLU A 657 -7.77 -17.10 6.85
C GLU A 657 -7.91 -18.57 7.18
N VAL A 658 -8.55 -19.32 6.28
CA VAL A 658 -9.03 -20.66 6.58
C VAL A 658 -8.85 -21.51 5.33
N ARG A 659 -8.09 -22.59 5.43
CA ARG A 659 -7.79 -23.40 4.27
C ARG A 659 -9.05 -24.10 3.77
N PRO A 660 -9.37 -23.99 2.47
CA PRO A 660 -10.58 -24.59 1.87
C PRO A 660 -10.42 -26.05 1.42
N GLU A 661 -10.46 -26.98 2.37
CA GLU A 661 -10.30 -28.37 1.98
C GLU A 661 -11.46 -28.80 1.10
N ARG A 662 -11.13 -29.46 0.00
CA ARG A 662 -12.10 -29.72 -1.06
C ARG A 662 -13.15 -30.75 -0.63
N THR A 663 -14.40 -30.50 -1.00
CA THR A 663 -15.50 -31.42 -0.78
C THR A 663 -16.60 -31.09 -1.79
N SER A 664 -17.52 -32.05 -1.97
CA SER A 664 -18.64 -31.83 -2.87
C SER A 664 -19.57 -30.74 -2.32
N ILE A 665 -19.89 -30.82 -1.02
CA ILE A 665 -20.80 -29.87 -0.39
C ILE A 665 -20.63 -29.91 1.11
N ASP A 697 -21.03 -21.23 -4.95
CA ASP A 697 -21.86 -21.92 -4.00
C ASP A 697 -21.06 -22.96 -3.24
N VAL A 698 -20.24 -23.71 -3.97
CA VAL A 698 -19.39 -24.70 -3.32
C VAL A 698 -18.18 -24.04 -2.70
N ALA A 699 -17.60 -23.04 -3.37
CA ALA A 699 -16.37 -22.43 -2.85
C ALA A 699 -16.64 -21.65 -1.57
N THR A 700 -17.75 -20.90 -1.52
CA THR A 700 -18.03 -20.10 -0.35
C THR A 700 -18.54 -20.96 0.80
N HIS A 701 -19.41 -21.94 0.50
CA HIS A 701 -19.86 -22.86 1.52
C HIS A 701 -18.70 -23.51 2.25
N ASN A 702 -17.67 -23.91 1.51
CA ASN A 702 -16.57 -24.64 2.14
C ASN A 702 -15.69 -23.72 2.97
N LEU A 703 -15.54 -22.46 2.54
CA LEU A 703 -14.83 -21.50 3.39
C LEU A 703 -15.58 -21.29 4.70
N THR A 704 -16.90 -21.13 4.62
CA THR A 704 -17.69 -21.02 5.85
C THR A 704 -17.61 -22.29 6.67
N GLN A 705 -17.58 -23.45 6.02
CA GLN A 705 -17.62 -24.71 6.75
C GLN A 705 -16.31 -24.99 7.47
N VAL A 706 -15.19 -24.50 6.93
CA VAL A 706 -13.92 -24.60 7.64
C VAL A 706 -13.73 -23.43 8.62
N ALA A 707 -14.63 -22.44 8.59
CA ALA A 707 -14.59 -21.38 9.58
C ALA A 707 -15.30 -21.79 10.87
N LEU A 708 -16.53 -22.29 10.74
CA LEU A 708 -17.31 -22.70 11.90
C LEU A 708 -16.64 -23.78 12.72
N THR A 709 -15.60 -24.43 12.20
CA THR A 709 -14.87 -25.44 12.95
C THR A 709 -13.39 -25.33 12.61
N GLY A 710 -12.55 -25.42 13.64
CA GLY A 710 -11.13 -25.28 13.42
C GLY A 710 -10.55 -26.35 12.53
N LYS A 711 -11.07 -27.57 12.63
CA LYS A 711 -10.53 -28.67 11.86
C LYS A 711 -10.59 -28.37 10.37
N THR A 712 -9.51 -28.69 9.67
CA THR A 712 -9.44 -28.50 8.23
C THR A 712 -10.34 -29.51 7.53
#